data_3GLE
#
_entry.id   3GLE
#
_cell.length_a   64.712
_cell.length_b   50.869
_cell.length_c   123.200
_cell.angle_alpha   90.00
_cell.angle_beta   104.27
_cell.angle_gamma   90.00
#
_symmetry.space_group_name_H-M   'P 1 21 1'
#
loop_
_entity.id
_entity.type
_entity.pdbx_description
1 polymer Pilin
2 water water
#
_entity_poly.entity_id   1
_entity_poly.type   'polypeptide(L)'
_entity_poly.pdbx_seq_one_letter_code
;GPGSATTVHGETVVNGAKLTVTKNLDLVNSNALIPNTDFTFKIEPDTTVNEDGNKFKGVALNTPMTKVTYTNSDKGGSNT
KTAEFDFSEVTFEKPGVYYYKVTEEKIDKVPGVSYDTTSYTVQVHVLWNEEQQKPVATYIVGYKEGSKVPIQFKASLDST
TLTVKKKVSGTGGDRSKDFNFGLTLKANQYYKASEKVMIEKTTKGGQAPVQTEASIDQLYHFTLKDGESIKVTNLPVGVD
YVVTEDDYKSEKYTTNVEVSPQDGAVKNIAGNSTEQETSTDKDMTITFTNKKVFE
;
_entity_poly.pdbx_strand_id   A,B,C
#
# COMPACT_ATOMS: atom_id res chain seq x y z
N THR A 12 29.44 3.45 25.29
CA THR A 12 29.92 4.59 24.42
C THR A 12 30.91 4.14 23.33
N VAL A 13 31.48 2.95 23.50
CA VAL A 13 32.24 2.28 22.44
C VAL A 13 31.72 0.84 22.34
N VAL A 14 31.16 0.49 21.18
CA VAL A 14 30.48 -0.81 20.97
C VAL A 14 31.42 -1.78 20.24
N ASN A 15 31.62 -2.98 20.80
CA ASN A 15 32.36 -4.04 20.10
C ASN A 15 31.38 -4.95 19.35
N GLY A 16 31.34 -4.81 18.03
CA GLY A 16 30.46 -5.65 17.23
C GLY A 16 29.70 -4.89 16.15
N ALA A 17 28.62 -5.48 15.67
CA ALA A 17 27.94 -5.00 14.46
C ALA A 17 26.55 -4.39 14.69
N LYS A 18 26.11 -4.35 15.94
CA LYS A 18 24.80 -3.81 16.26
C LYS A 18 24.93 -2.51 17.04
N LEU A 19 24.10 -1.52 16.69
CA LEU A 19 24.16 -0.21 17.36
C LEU A 19 22.82 0.18 17.96
N THR A 20 22.81 0.31 19.29
CA THR A 20 21.63 0.66 20.06
C THR A 20 21.39 2.16 20.00
N VAL A 21 20.14 2.55 19.86
CA VAL A 21 19.71 3.91 20.03
C VAL A 21 18.74 3.93 21.21
N THR A 22 18.84 4.96 22.05
CA THR A 22 18.00 5.10 23.23
C THR A 22 17.12 6.33 23.10
N LYS A 23 15.84 6.19 23.42
CA LYS A 23 14.95 7.34 23.56
C LYS A 23 14.62 7.55 25.01
N ASN A 24 14.73 8.80 25.47
CA ASN A 24 14.28 9.20 26.80
C ASN A 24 13.18 10.28 26.75
N LEU A 25 12.11 10.08 27.51
CA LEU A 25 11.10 11.12 27.71
C LEU A 25 11.31 11.76 29.06
N ASP A 26 11.62 13.06 29.06
CA ASP A 26 11.74 13.83 30.30
CA ASP A 26 11.77 13.83 30.30
C ASP A 26 10.41 14.47 30.64
N LEU A 27 9.75 13.99 31.68
CA LEU A 27 8.44 14.53 32.03
C LEU A 27 8.53 15.81 32.88
N VAL A 28 7.97 16.92 32.39
CA VAL A 28 7.90 18.11 33.23
C VAL A 28 7.11 17.80 34.55
N ASN A 29 5.94 17.20 34.42
CA ASN A 29 5.19 16.74 35.57
C ASN A 29 5.38 15.22 35.62
N SER A 30 5.95 14.70 36.70
CA SER A 30 6.30 13.28 36.80
C SER A 30 5.07 12.34 36.74
N ASN A 31 3.89 12.90 37.01
CA ASN A 31 2.64 12.17 36.88
C ASN A 31 2.00 12.27 35.47
N ALA A 32 2.71 12.82 34.50
CA ALA A 32 2.13 13.01 33.17
C ALA A 32 1.60 11.70 32.59
N LEU A 33 0.50 11.79 31.83
CA LEU A 33 0.07 10.70 30.95
C LEU A 33 1.03 10.65 29.78
N ILE A 34 1.32 9.45 29.29
CA ILE A 34 2.27 9.24 28.19
C ILE A 34 1.48 9.04 26.88
N PRO A 35 1.75 9.86 25.86
CA PRO A 35 0.96 9.71 24.62
C PRO A 35 1.27 8.43 23.83
N ASN A 36 0.29 7.93 23.09
CA ASN A 36 0.50 6.87 22.13
C ASN A 36 1.20 7.50 20.91
N THR A 37 2.48 7.23 20.76
CA THR A 37 3.24 7.84 19.65
C THR A 37 4.52 7.09 19.38
N ASP A 38 5.10 7.31 18.21
CA ASP A 38 6.42 6.75 17.95
C ASP A 38 7.53 7.80 17.75
N PHE A 39 8.76 7.35 17.84
CA PHE A 39 9.88 8.16 17.39
C PHE A 39 10.69 7.33 16.42
N THR A 40 11.08 7.95 15.30
CA THR A 40 11.84 7.23 14.28
C THR A 40 13.27 7.77 14.19
N PHE A 41 14.24 6.88 14.01
CA PHE A 41 15.63 7.28 13.86
C PHE A 41 16.16 6.81 12.53
N LYS A 42 16.82 7.72 11.82
CA LYS A 42 17.35 7.44 10.52
C LYS A 42 18.86 7.42 10.58
N ILE A 43 19.43 6.40 9.93
CA ILE A 43 20.86 6.38 9.69
C ILE A 43 21.14 6.46 8.17
N GLU A 44 22.07 7.34 7.82
CA GLU A 44 22.44 7.47 6.42
C GLU A 44 23.93 7.71 6.27
N PRO A 45 24.50 7.38 5.10
CA PRO A 45 25.91 7.68 4.84
C PRO A 45 26.20 9.17 5.01
N ASP A 46 27.34 9.49 5.63
CA ASP A 46 27.79 10.86 5.72
C ASP A 46 28.42 11.30 4.39
N THR A 47 27.88 12.36 3.79
CA THR A 47 28.30 12.81 2.45
C THR A 47 29.40 13.88 2.45
N THR A 48 29.66 14.45 3.62
CA THR A 48 30.64 15.51 3.77
C THR A 48 32.08 14.98 3.82
N VAL A 49 32.22 13.68 4.06
CA VAL A 49 33.53 13.07 4.35
C VAL A 49 34.54 13.30 3.24
N ASN A 50 35.69 13.85 3.62
CA ASN A 50 36.82 13.97 2.73
C ASN A 50 37.32 12.57 2.51
N GLU A 51 36.90 11.96 1.40
CA GLU A 51 37.23 10.56 1.15
C GLU A 51 38.73 10.33 1.01
N ASP A 52 39.23 9.70 2.05
CA ASP A 52 40.63 9.53 2.30
C ASP A 52 40.93 8.12 1.85
N GLY A 53 42.20 7.73 1.96
CA GLY A 53 42.52 6.31 1.96
C GLY A 53 42.02 5.57 3.21
N ASN A 54 41.61 6.31 4.24
CA ASN A 54 41.24 5.74 5.56
C ASN A 54 39.81 6.04 6.03
N LYS A 55 39.31 7.25 5.72
CA LYS A 55 37.92 7.63 6.03
C LYS A 55 37.05 7.38 4.81
N PHE A 56 35.90 6.74 5.01
CA PHE A 56 34.99 6.52 3.89
C PHE A 56 33.58 6.99 4.19
N LYS A 57 32.88 7.37 3.13
CA LYS A 57 31.44 7.54 3.20
C LYS A 57 30.80 6.20 3.59
N GLY A 58 29.85 6.23 4.52
CA GLY A 58 29.15 5.02 4.92
C GLY A 58 28.46 4.26 3.79
N VAL A 59 28.36 2.95 3.96
CA VAL A 59 27.61 2.09 3.06
C VAL A 59 26.18 1.98 3.60
N ALA A 60 25.21 2.25 2.73
CA ALA A 60 23.80 2.33 3.13
C ALA A 60 23.32 1.00 3.66
N LEU A 61 22.57 1.07 4.76
CA LEU A 61 21.96 -0.11 5.38
C LEU A 61 20.66 -0.50 4.67
N ASN A 62 20.37 -1.80 4.70
CA ASN A 62 19.10 -2.33 4.19
C ASN A 62 17.89 -1.90 5.01
N THR A 63 18.12 -1.62 6.30
CA THR A 63 17.07 -1.14 7.19
C THR A 63 17.59 0.16 7.84
N PRO A 64 17.47 1.29 7.11
CA PRO A 64 18.01 2.58 7.54
C PRO A 64 17.19 3.31 8.59
N MET A 65 16.02 2.77 8.94
CA MET A 65 15.17 3.37 9.98
C MET A 65 14.94 2.36 11.09
N THR A 66 14.90 2.85 12.33
CA THR A 66 14.44 2.04 13.43
C THR A 66 13.64 2.92 14.39
N LYS A 67 12.75 2.32 15.17
CA LYS A 67 11.88 3.17 15.96
C LYS A 67 11.49 2.60 17.30
N VAL A 68 11.05 3.49 18.18
CA VAL A 68 10.51 3.10 19.45
C VAL A 68 9.09 3.67 19.58
N THR A 69 8.24 2.99 20.35
CA THR A 69 6.84 3.36 20.47
C THR A 69 6.42 3.48 21.92
N TYR A 70 5.79 4.59 22.27
CA TYR A 70 5.21 4.77 23.59
C TYR A 70 3.70 4.58 23.50
N THR A 71 3.10 4.00 24.54
CA THR A 71 1.65 3.91 24.69
C THR A 71 1.25 4.39 26.06
N ASN A 72 -0.04 4.69 26.24
CA ASN A 72 -0.56 5.17 27.51
C ASN A 72 -0.09 4.31 28.68
N SER A 73 -0.09 2.99 28.48
CA SER A 73 0.31 1.99 29.47
C SER A 73 1.79 2.04 29.93
N ASP A 74 2.62 2.84 29.26
CA ASP A 74 3.99 3.11 29.73
C ASP A 74 4.08 4.03 30.96
N LYS A 75 2.94 4.58 31.38
CA LYS A 75 2.90 5.49 32.53
C LYS A 75 3.44 4.77 33.76
N GLY A 76 4.37 5.40 34.47
CA GLY A 76 4.99 4.81 35.67
C GLY A 76 6.25 4.00 35.40
N GLY A 77 6.54 3.75 34.12
CA GLY A 77 7.74 3.01 33.70
C GLY A 77 9.02 3.84 33.78
N SER A 78 10.03 3.45 33.01
CA SER A 78 11.30 4.20 32.98
C SER A 78 11.23 5.41 32.02
N ASN A 79 10.19 5.45 31.18
CA ASN A 79 10.09 6.43 30.09
C ASN A 79 11.26 6.33 29.10
N THR A 80 11.98 5.21 29.14
CA THR A 80 13.13 4.99 28.30
C THR A 80 12.92 3.77 27.40
N LYS A 81 13.22 3.92 26.11
CA LYS A 81 13.12 2.81 25.18
C LYS A 81 14.31 2.71 24.25
N THR A 82 14.62 1.50 23.80
CA THR A 82 15.75 1.25 22.94
C THR A 82 15.31 0.59 21.62
N ALA A 83 16.07 0.85 20.57
CA ALA A 83 15.95 0.13 19.32
C ALA A 83 17.39 -0.02 18.83
N GLU A 84 17.60 -0.69 17.70
CA GLU A 84 18.96 -0.81 17.19
C GLU A 84 19.05 -0.82 15.66
N PHE A 85 20.21 -0.38 15.16
CA PHE A 85 20.55 -0.49 13.76
C PHE A 85 21.44 -1.73 13.61
N ASP A 86 21.33 -2.38 12.46
CA ASP A 86 22.06 -3.63 12.20
C ASP A 86 23.08 -3.44 11.07
N PHE A 87 24.37 -3.60 11.39
CA PHE A 87 25.44 -3.44 10.41
C PHE A 87 25.99 -4.78 9.92
N SER A 88 25.38 -5.86 10.36
CA SER A 88 25.90 -7.21 10.13
C SER A 88 25.89 -7.57 8.65
N GLU A 89 24.83 -7.18 7.95
CA GLU A 89 24.62 -7.52 6.55
C GLU A 89 25.22 -6.50 5.57
N VAL A 90 25.87 -5.46 6.09
CA VAL A 90 26.53 -4.49 5.22
C VAL A 90 27.83 -5.05 4.64
N THR A 91 28.03 -4.88 3.34
CA THR A 91 29.25 -5.34 2.68
C THR A 91 30.25 -4.20 2.60
N PHE A 92 31.38 -4.33 3.28
CA PHE A 92 32.42 -3.29 3.26
C PHE A 92 33.57 -3.78 2.38
N GLU A 93 33.89 -3.03 1.35
CA GLU A 93 34.88 -3.49 0.39
C GLU A 93 36.32 -3.43 0.91
N LYS A 94 36.59 -2.56 1.88
CA LYS A 94 37.96 -2.30 2.36
C LYS A 94 37.92 -1.98 3.86
N PRO A 95 39.01 -2.24 4.58
CA PRO A 95 39.05 -1.78 5.98
C PRO A 95 39.12 -0.26 6.02
N GLY A 96 38.58 0.33 7.09
CA GLY A 96 38.65 1.77 7.29
C GLY A 96 37.59 2.28 8.24
N VAL A 97 37.48 3.59 8.38
CA VAL A 97 36.44 4.18 9.21
C VAL A 97 35.37 4.73 8.28
N TYR A 98 34.16 4.16 8.38
CA TYR A 98 33.02 4.53 7.54
C TYR A 98 32.06 5.43 8.31
N TYR A 99 31.67 6.55 7.70
CA TYR A 99 30.93 7.58 8.42
C TYR A 99 29.45 7.67 8.05
N TYR A 100 28.62 7.77 9.09
CA TYR A 100 27.16 7.90 9.02
C TYR A 100 26.67 9.05 9.90
N LYS A 101 25.45 9.52 9.61
CA LYS A 101 24.74 10.45 10.49
C LYS A 101 23.48 9.78 10.98
N VAL A 102 23.20 9.96 12.27
CA VAL A 102 21.99 9.43 12.86
C VAL A 102 21.18 10.62 13.36
N THR A 103 19.91 10.68 12.95
CA THR A 103 18.99 11.72 13.34
C THR A 103 17.66 11.11 13.80
N GLU A 104 16.86 11.91 14.50
CA GLU A 104 15.49 11.56 14.81
C GLU A 104 14.54 12.29 13.82
N GLU A 105 13.58 11.56 13.25
CA GLU A 105 12.65 12.16 12.31
C GLU A 105 11.23 12.13 12.86
N LYS A 106 10.52 13.25 12.76
CA LYS A 106 9.10 13.22 13.08
C LYS A 106 8.26 14.12 12.17
N ILE A 107 7.47 13.50 11.30
CA ILE A 107 6.62 14.24 10.36
C ILE A 107 5.67 15.21 11.10
N ASP A 108 4.64 14.66 11.76
CA ASP A 108 3.69 15.48 12.49
CA ASP A 108 3.70 15.49 12.49
C ASP A 108 3.99 15.48 13.99
N LYS A 109 4.25 16.67 14.51
CA LYS A 109 4.63 16.86 15.91
CA LYS A 109 4.62 16.89 15.91
C LYS A 109 3.44 16.58 16.84
N VAL A 110 3.73 15.91 17.95
CA VAL A 110 2.74 15.55 18.95
C VAL A 110 2.62 16.73 19.92
N PRO A 111 1.39 17.18 20.21
CA PRO A 111 1.26 18.34 21.11
C PRO A 111 1.94 18.08 22.45
N GLY A 112 2.81 19.00 22.85
CA GLY A 112 3.41 18.99 24.16
C GLY A 112 4.69 18.22 24.25
N VAL A 113 5.12 17.68 23.09
CA VAL A 113 6.36 16.93 22.96
C VAL A 113 7.37 17.78 22.20
N SER A 114 8.58 17.91 22.73
CA SER A 114 9.63 18.68 22.07
C SER A 114 10.54 17.74 21.32
N TYR A 115 10.93 18.10 20.09
CA TYR A 115 11.75 17.18 19.32
C TYR A 115 13.22 17.53 19.29
N ASP A 116 14.02 16.54 19.70
CA ASP A 116 15.47 16.53 19.63
C ASP A 116 15.95 16.68 18.19
N THR A 117 16.58 17.81 17.92
CA THR A 117 17.12 18.16 16.58
C THR A 117 18.58 17.68 16.37
N THR A 118 19.12 17.02 17.39
CA THR A 118 20.48 16.53 17.36
C THR A 118 20.80 15.69 16.12
N SER A 119 21.99 15.90 15.56
CA SER A 119 22.54 14.99 14.56
C SER A 119 23.77 14.32 15.16
N TYR A 120 23.84 13.00 15.16
CA TYR A 120 25.01 12.27 15.62
C TYR A 120 25.92 11.86 14.44
N THR A 121 27.22 11.99 14.61
CA THR A 121 28.19 11.34 13.72
C THR A 121 28.48 9.98 14.31
N VAL A 122 28.38 8.95 13.45
CA VAL A 122 28.68 7.57 13.80
C VAL A 122 29.83 7.05 12.91
N GLN A 123 30.92 6.65 13.55
CA GLN A 123 32.06 6.02 12.90
C GLN A 123 31.98 4.50 13.05
N VAL A 124 31.91 3.79 11.94
CA VAL A 124 31.98 2.35 11.98
C VAL A 124 33.39 1.98 11.57
N HIS A 125 34.10 1.39 12.51
CA HIS A 125 35.46 0.98 12.32
C HIS A 125 35.49 -0.47 11.77
N VAL A 126 35.89 -0.59 10.50
CA VAL A 126 35.80 -1.83 9.76
C VAL A 126 37.23 -2.33 9.58
N LEU A 127 37.51 -3.48 10.18
CA LEU A 127 38.85 -4.04 10.21
C LEU A 127 38.82 -5.39 9.53
N TRP A 128 39.95 -5.75 8.92
CA TRP A 128 40.13 -7.09 8.40
C TRP A 128 40.02 -8.07 9.55
N ASN A 129 39.27 -9.12 9.29
CA ASN A 129 38.96 -10.16 10.25
C ASN A 129 39.43 -11.51 9.70
N GLU A 130 40.21 -12.24 10.49
CA GLU A 130 40.72 -13.59 10.16
C GLU A 130 39.62 -14.67 10.03
N GLU A 131 38.75 -14.74 11.03
CA GLU A 131 37.67 -15.73 11.07
C GLU A 131 36.81 -15.73 9.78
N GLN A 132 36.43 -14.54 9.32
CA GLN A 132 35.51 -14.40 8.20
C GLN A 132 36.23 -14.14 6.88
N GLN A 133 37.55 -14.00 6.96
CA GLN A 133 38.38 -13.63 5.82
C GLN A 133 37.88 -12.39 5.04
N LYS A 134 37.47 -11.35 5.75
CA LYS A 134 36.99 -10.12 5.11
C LYS A 134 37.02 -8.91 6.05
N PRO A 135 36.74 -7.70 5.51
CA PRO A 135 36.58 -6.53 6.37
C PRO A 135 35.22 -6.58 7.04
N VAL A 136 35.24 -6.42 8.37
CA VAL A 136 34.03 -6.51 9.16
C VAL A 136 33.91 -5.32 10.11
N ALA A 137 32.68 -4.81 10.26
CA ALA A 137 32.30 -3.86 11.32
C ALA A 137 32.74 -4.38 12.69
N THR A 138 33.66 -3.68 13.35
CA THR A 138 34.30 -4.28 14.53
C THR A 138 33.99 -3.49 15.78
N TYR A 139 34.06 -2.17 15.65
CA TYR A 139 33.49 -1.31 16.66
C TYR A 139 32.86 -0.04 16.14
N ILE A 140 32.01 0.53 16.97
CA ILE A 140 31.18 1.65 16.57
C ILE A 140 31.21 2.74 17.63
N VAL A 141 31.47 3.97 17.17
CA VAL A 141 31.63 5.14 18.00
C VAL A 141 30.73 6.26 17.47
N GLY A 142 29.98 6.88 18.38
CA GLY A 142 29.11 8.01 18.04
C GLY A 142 29.42 9.25 18.85
N TYR A 143 29.22 10.42 18.24
CA TYR A 143 29.40 11.68 18.97
C TYR A 143 28.57 12.79 18.35
N LYS A 144 28.25 13.81 19.15
CA LYS A 144 27.47 14.94 18.65
C LYS A 144 28.41 16.09 18.31
N GLU A 145 28.71 16.92 19.31
CA GLU A 145 29.63 18.02 19.13
C GLU A 145 30.64 18.02 20.28
N GLY A 146 30.84 16.85 20.89
CA GLY A 146 31.62 16.75 22.10
C GLY A 146 32.27 15.38 22.21
N SER A 147 32.28 14.83 23.43
CA SER A 147 32.84 13.50 23.67
C SER A 147 31.98 12.38 23.05
N LYS A 148 32.58 11.21 22.88
CA LYS A 148 31.91 9.95 22.52
C LYS A 148 30.82 9.69 23.54
N VAL A 149 29.63 9.35 23.05
CA VAL A 149 28.47 9.11 23.91
C VAL A 149 27.60 8.01 23.30
N PRO A 150 26.77 7.34 24.12
CA PRO A 150 25.75 6.46 23.52
C PRO A 150 24.78 7.29 22.71
N ILE A 151 24.25 6.71 21.64
CA ILE A 151 23.27 7.42 20.86
C ILE A 151 21.96 7.51 21.66
N GLN A 152 21.72 8.73 22.17
CA GLN A 152 20.54 9.01 22.98
CA GLN A 152 20.54 9.01 22.98
C GLN A 152 19.82 10.25 22.44
N PHE A 153 18.51 10.14 22.32
CA PHE A 153 17.66 11.27 21.95
C PHE A 153 16.74 11.51 23.13
N LYS A 154 16.57 12.77 23.50
CA LYS A 154 15.73 13.14 24.63
C LYS A 154 14.63 14.07 24.13
N ALA A 155 13.38 13.79 24.52
CA ALA A 155 12.27 14.71 24.25
C ALA A 155 11.67 15.14 25.59
N SER A 156 11.26 16.41 25.72
CA SER A 156 10.46 16.80 26.89
C SER A 156 8.99 16.59 26.61
N LEU A 157 8.28 16.06 27.60
CA LEU A 157 6.84 15.92 27.51
C LEU A 157 6.27 16.88 28.55
N ASP A 158 5.66 17.95 28.05
CA ASP A 158 4.98 18.95 28.88
C ASP A 158 3.55 18.48 29.09
N SER A 159 2.93 18.96 30.16
CA SER A 159 1.51 18.88 30.32
C SER A 159 1.06 20.17 30.99
N THR A 160 -0.21 20.22 31.36
CA THR A 160 -0.78 21.46 31.84
C THR A 160 -1.80 21.13 32.93
N THR A 161 -2.51 22.16 33.38
CA THR A 161 -3.51 21.98 34.40
C THR A 161 -4.73 22.78 34.02
N LEU A 162 -5.89 22.36 34.54
CA LEU A 162 -7.16 23.08 34.37
C LEU A 162 -7.74 23.31 35.76
N THR A 163 -7.91 24.56 36.14
CA THR A 163 -8.57 24.91 37.39
C THR A 163 -9.99 25.40 37.09
N VAL A 164 -10.97 24.86 37.81
CA VAL A 164 -12.34 25.36 37.69
C VAL A 164 -12.75 25.95 39.04
N LYS A 165 -13.17 27.23 39.02
CA LYS A 165 -13.54 27.97 40.25
C LYS A 165 -14.99 28.45 40.22
N LYS A 166 -15.57 28.54 41.40
CA LYS A 166 -16.90 29.05 41.56
C LYS A 166 -16.86 30.34 42.31
N LYS A 167 -17.51 31.34 41.74
CA LYS A 167 -17.59 32.64 42.36
C LYS A 167 -19.07 33.00 42.48
N VAL A 168 -19.51 33.29 43.71
CA VAL A 168 -20.90 33.75 43.92
C VAL A 168 -20.93 35.27 44.16
N SER A 169 -21.82 35.98 43.50
CA SER A 169 -21.85 37.43 43.68
C SER A 169 -23.29 37.94 43.89
N GLY A 170 -23.45 39.24 44.09
CA GLY A 170 -24.76 39.87 44.37
C GLY A 170 -25.14 39.73 45.83
N THR A 171 -25.91 40.69 46.34
CA THR A 171 -26.31 40.67 47.74
C THR A 171 -27.22 39.51 48.10
N GLY A 172 -27.82 38.88 47.09
CA GLY A 172 -28.68 37.71 47.31
C GLY A 172 -28.06 36.34 47.09
N GLY A 173 -26.78 36.29 46.72
CA GLY A 173 -26.14 35.03 46.38
C GLY A 173 -25.76 34.27 47.64
N ASP A 174 -26.05 32.96 47.61
CA ASP A 174 -25.83 32.03 48.73
C ASP A 174 -24.44 31.40 48.64
N ARG A 175 -23.56 31.82 49.55
CA ARG A 175 -22.17 31.37 49.56
C ARG A 175 -22.01 29.96 50.11
N SER A 176 -23.11 29.37 50.57
CA SER A 176 -23.06 28.00 51.08
C SER A 176 -23.66 26.99 50.11
N LYS A 177 -24.35 27.48 49.08
CA LYS A 177 -24.93 26.58 48.06
C LYS A 177 -23.87 25.80 47.27
N ASP A 178 -24.10 24.51 47.08
CA ASP A 178 -23.27 23.69 46.18
C ASP A 178 -23.82 23.77 44.76
N PHE A 179 -23.00 24.21 43.82
CA PHE A 179 -23.38 24.20 42.42
C PHE A 179 -22.82 22.93 41.76
N ASN A 180 -23.64 22.23 40.97
CA ASN A 180 -23.22 21.00 40.25
C ASN A 180 -22.59 21.34 38.90
N PHE A 181 -21.56 20.60 38.55
CA PHE A 181 -20.81 20.80 37.30
C PHE A 181 -20.53 19.44 36.69
N GLY A 182 -20.20 19.44 35.41
CA GLY A 182 -19.67 18.27 34.75
C GLY A 182 -18.45 18.66 33.95
N LEU A 183 -17.47 17.76 33.90
CA LEU A 183 -16.32 17.89 33.01
C LEU A 183 -16.23 16.66 32.11
N THR A 184 -16.05 16.87 30.81
CA THR A 184 -15.80 15.77 29.90
C THR A 184 -14.48 16.03 29.20
N LEU A 185 -13.56 15.09 29.28
CA LEU A 185 -12.36 15.16 28.46
C LEU A 185 -12.54 14.19 27.29
N LYS A 186 -12.15 14.60 26.08
CA LYS A 186 -12.36 13.77 24.90
CA LYS A 186 -12.35 13.79 24.86
C LYS A 186 -11.12 12.97 24.50
N ALA A 187 -11.34 11.71 24.16
CA ALA A 187 -10.28 10.83 23.67
C ALA A 187 -9.81 11.31 22.31
N ASN A 188 -8.52 11.15 22.05
CA ASN A 188 -7.92 11.39 20.73
C ASN A 188 -6.90 10.26 20.47
N GLN A 189 -6.08 10.41 19.44
CA GLN A 189 -5.18 9.31 19.10
C GLN A 189 -4.08 9.09 20.14
N TYR A 190 -3.74 10.15 20.87
CA TYR A 190 -2.63 10.15 21.78
C TYR A 190 -3.03 9.65 23.17
N TYR A 191 -4.31 9.87 23.53
CA TYR A 191 -4.84 9.55 24.85
C TYR A 191 -6.20 8.89 24.72
N LYS A 192 -6.25 7.60 25.03
CA LYS A 192 -7.42 6.76 24.80
CA LYS A 192 -7.42 6.76 24.80
C LYS A 192 -8.51 6.92 25.86
N ALA A 193 -9.72 6.51 25.49
CA ALA A 193 -10.83 6.46 26.43
C ALA A 193 -10.45 5.61 27.65
N SER A 194 -11.00 5.99 28.81
CA SER A 194 -10.74 5.34 30.10
C SER A 194 -9.39 5.63 30.79
N GLU A 195 -8.45 6.30 30.11
CA GLU A 195 -7.25 6.72 30.82
C GLU A 195 -7.62 7.77 31.87
N LYS A 196 -6.93 7.73 33.00
CA LYS A 196 -7.30 8.59 34.12
C LYS A 196 -6.45 9.84 34.24
N VAL A 197 -7.08 10.95 34.67
CA VAL A 197 -6.35 12.15 35.05
C VAL A 197 -6.67 12.51 36.50
N MET A 198 -5.68 13.09 37.17
CA MET A 198 -5.78 13.39 38.59
C MET A 198 -6.45 14.72 38.84
N ILE A 199 -7.27 14.74 39.88
CA ILE A 199 -8.06 15.92 40.22
C ILE A 199 -7.97 16.17 41.73
N GLU A 200 -7.69 17.41 42.08
CA GLU A 200 -7.76 17.78 43.47
C GLU A 200 -8.74 18.92 43.68
N LYS A 201 -9.57 18.76 44.72
CA LYS A 201 -10.60 19.71 45.06
C LYS A 201 -10.19 20.47 46.34
N THR A 202 -10.20 21.79 46.27
CA THR A 202 -9.88 22.65 47.41
C THR A 202 -11.14 23.29 47.96
N THR A 203 -11.38 23.12 49.25
CA THR A 203 -12.58 23.59 49.94
C THR A 203 -12.21 24.58 51.01
N LYS A 204 -13.09 25.56 51.19
CA LYS A 204 -12.97 26.58 52.22
C LYS A 204 -13.19 25.96 53.59
N GLY A 205 -12.26 25.13 54.02
CA GLY A 205 -12.36 24.50 55.32
C GLY A 205 -11.02 24.01 55.72
N GLY A 206 -10.98 23.32 56.85
CA GLY A 206 -9.74 22.92 57.49
C GLY A 206 -8.73 22.14 56.66
N GLN A 207 -9.20 21.41 55.66
CA GLN A 207 -8.47 20.22 55.21
C GLN A 207 -7.57 20.33 53.98
N ALA A 208 -6.75 19.30 53.85
CA ALA A 208 -6.01 19.04 52.65
C ALA A 208 -6.99 18.93 51.49
N PRO A 209 -6.55 19.27 50.28
CA PRO A 209 -7.36 19.03 49.09
C PRO A 209 -7.72 17.54 48.95
N VAL A 210 -8.91 17.26 48.43
CA VAL A 210 -9.34 15.90 48.12
C VAL A 210 -8.94 15.50 46.70
N GLN A 211 -8.32 14.33 46.57
CA GLN A 211 -7.90 13.78 45.29
C GLN A 211 -8.94 12.83 44.74
N THR A 212 -9.37 13.06 43.50
CA THR A 212 -10.16 12.10 42.77
C THR A 212 -9.51 11.85 41.41
N GLU A 213 -10.13 11.02 40.58
CA GLU A 213 -9.70 10.79 39.21
C GLU A 213 -10.88 10.94 38.24
N ALA A 214 -10.66 11.57 37.09
CA ALA A 214 -11.60 11.50 35.93
C ALA A 214 -11.11 10.53 34.84
N SER A 215 -12.05 9.87 34.14
CA SER A 215 -11.74 9.07 32.95
C SER A 215 -12.04 9.82 31.67
N ILE A 216 -11.07 9.81 30.75
CA ILE A 216 -11.27 10.30 29.39
C ILE A 216 -12.48 9.62 28.75
N ASP A 217 -13.31 10.43 28.09
CA ASP A 217 -14.59 10.01 27.47
C ASP A 217 -15.70 9.71 28.47
N GLN A 218 -15.46 10.03 29.73
CA GLN A 218 -16.47 9.78 30.76
C GLN A 218 -16.79 11.06 31.52
N LEU A 219 -18.05 11.45 31.54
CA LEU A 219 -18.47 12.63 32.30
C LEU A 219 -18.03 12.53 33.77
N TYR A 220 -17.32 13.55 34.24
CA TYR A 220 -16.87 13.64 35.63
C TYR A 220 -17.76 14.64 36.34
N HIS A 221 -18.42 14.19 37.39
CA HIS A 221 -19.34 15.04 38.11
C HIS A 221 -18.64 15.62 39.33
N PHE A 222 -18.87 16.89 39.60
CA PHE A 222 -18.35 17.54 40.79
C PHE A 222 -19.24 18.70 41.21
N THR A 223 -19.02 19.19 42.43
CA THR A 223 -19.76 20.33 42.94
C THR A 223 -18.78 21.35 43.52
N LEU A 224 -19.16 22.63 43.46
CA LEU A 224 -18.41 23.68 44.16
C LEU A 224 -19.31 24.68 44.85
N LYS A 225 -18.88 25.13 46.04
CA LYS A 225 -19.44 26.34 46.66
C LYS A 225 -18.58 27.54 46.27
N ASP A 226 -19.03 28.74 46.61
CA ASP A 226 -18.22 29.94 46.40
C ASP A 226 -16.83 29.76 46.98
N GLY A 227 -15.82 30.22 46.24
CA GLY A 227 -14.44 30.17 46.74
C GLY A 227 -13.80 28.79 46.67
N GLU A 228 -14.53 27.78 46.19
CA GLU A 228 -13.97 26.43 46.02
C GLU A 228 -13.50 26.21 44.57
N SER A 229 -12.65 25.20 44.38
CA SER A 229 -12.19 24.91 43.04
C SER A 229 -11.77 23.46 42.90
N ILE A 230 -11.79 22.96 41.66
CA ILE A 230 -11.05 21.75 41.33
C ILE A 230 -9.88 22.08 40.43
N LYS A 231 -8.86 21.23 40.47
CA LYS A 231 -7.71 21.38 39.60
C LYS A 231 -7.33 20.03 39.02
N VAL A 232 -7.43 19.91 37.68
CA VAL A 232 -6.89 18.77 36.95
C VAL A 232 -5.36 18.95 36.88
N THR A 233 -4.60 18.19 37.66
CA THR A 233 -3.18 18.50 37.83
C THR A 233 -2.26 17.92 36.75
N ASN A 234 -2.76 16.95 35.95
CA ASN A 234 -1.97 16.41 34.84
C ASN A 234 -2.74 16.28 33.52
N LEU A 235 -3.44 17.33 33.14
CA LEU A 235 -4.13 17.38 31.88
C LEU A 235 -3.10 17.35 30.74
N PRO A 236 -3.23 16.39 29.80
CA PRO A 236 -2.28 16.37 28.68
C PRO A 236 -2.52 17.57 27.78
N VAL A 237 -1.48 17.99 27.06
CA VAL A 237 -1.63 18.97 26.02
C VAL A 237 -2.36 18.38 24.79
N GLY A 238 -3.20 19.19 24.15
CA GLY A 238 -3.89 18.81 22.92
C GLY A 238 -5.23 18.10 23.12
N VAL A 239 -5.77 18.11 24.34
CA VAL A 239 -7.01 17.39 24.65
C VAL A 239 -8.21 18.33 24.60
N ASP A 240 -9.26 17.92 23.89
CA ASP A 240 -10.51 18.70 23.87
C ASP A 240 -11.31 18.45 25.15
N TYR A 241 -11.95 19.49 25.69
CA TYR A 241 -12.82 19.30 26.86
C TYR A 241 -13.94 20.33 26.90
N VAL A 242 -14.97 20.00 27.71
CA VAL A 242 -16.12 20.83 27.99
C VAL A 242 -16.37 20.83 29.53
N VAL A 243 -16.58 22.02 30.10
CA VAL A 243 -17.03 22.16 31.48
C VAL A 243 -18.40 22.81 31.48
N THR A 244 -19.35 22.23 32.20
CA THR A 244 -20.71 22.76 32.27
C THR A 244 -21.17 22.87 33.71
N GLU A 245 -21.83 23.97 34.07
CA GLU A 245 -22.55 24.05 35.34
C GLU A 245 -24.01 23.77 35.02
N ASP A 246 -24.71 23.14 35.95
CA ASP A 246 -26.16 23.00 35.87
C ASP A 246 -26.81 24.38 35.72
N ASP A 247 -27.95 24.41 35.06
CA ASP A 247 -28.72 25.64 34.91
C ASP A 247 -29.35 26.00 36.26
N TYR A 248 -29.11 27.21 36.75
CA TYR A 248 -29.77 27.64 38.00
C TYR A 248 -30.72 28.83 37.84
N LYS A 249 -31.14 29.08 36.61
CA LYS A 249 -32.04 30.19 36.28
C LYS A 249 -33.34 30.14 37.07
N SER A 250 -33.85 28.91 37.28
CA SER A 250 -35.09 28.71 38.03
C SER A 250 -34.95 29.16 39.50
N GLU A 251 -33.72 29.19 40.00
CA GLU A 251 -33.46 29.65 41.36
C GLU A 251 -32.94 31.07 41.39
N LYS A 252 -33.17 31.80 40.29
CA LYS A 252 -32.84 33.22 40.14
C LYS A 252 -31.33 33.56 40.15
N TYR A 253 -30.49 32.65 39.70
CA TYR A 253 -29.08 32.97 39.46
C TYR A 253 -28.85 33.28 37.98
N THR A 254 -28.06 34.30 37.68
CA THR A 254 -27.51 34.39 36.34
C THR A 254 -26.07 33.85 36.38
N THR A 255 -25.67 33.14 35.34
CA THR A 255 -24.36 32.50 35.26
C THR A 255 -23.55 33.01 34.07
N ASN A 256 -22.28 33.33 34.31
CA ASN A 256 -21.36 33.72 33.27
CA ASN A 256 -21.35 33.69 33.25
C ASN A 256 -20.04 32.96 33.47
N VAL A 257 -19.33 32.66 32.39
CA VAL A 257 -18.08 31.91 32.47
C VAL A 257 -16.96 32.82 31.99
N GLU A 258 -15.83 32.78 32.68
CA GLU A 258 -14.59 33.37 32.16
C GLU A 258 -13.62 32.25 31.87
N VAL A 259 -13.07 32.21 30.68
CA VAL A 259 -12.11 31.19 30.29
C VAL A 259 -10.78 31.91 30.14
N SER A 260 -9.83 31.58 30.99
CA SER A 260 -8.67 32.42 31.20
C SER A 260 -7.34 31.66 31.11
N PRO A 261 -6.75 31.54 29.89
CA PRO A 261 -5.45 30.87 29.78
C PRO A 261 -4.37 31.75 30.40
N GLN A 262 -3.39 31.14 31.06
CA GLN A 262 -2.36 31.90 31.76
C GLN A 262 -1.70 32.86 30.78
N ASP A 263 -1.73 34.14 31.15
CA ASP A 263 -1.18 35.24 30.35
CA ASP A 263 -1.16 35.23 30.33
C ASP A 263 -1.77 35.43 28.92
N GLY A 264 -2.86 34.75 28.60
CA GLY A 264 -3.55 34.97 27.32
C GLY A 264 -4.80 35.82 27.49
N ALA A 265 -5.50 36.08 26.38
CA ALA A 265 -6.74 36.84 26.45
C ALA A 265 -7.92 36.03 27.05
N VAL A 266 -8.58 36.61 28.04
CA VAL A 266 -9.77 36.02 28.65
C VAL A 266 -10.99 36.05 27.69
N LYS A 267 -11.70 34.92 27.66
CA LYS A 267 -12.94 34.78 26.91
C LYS A 267 -14.13 34.80 27.88
N ASN A 268 -15.07 35.71 27.67
CA ASN A 268 -16.30 35.75 28.47
C ASN A 268 -17.50 35.14 27.75
N ILE A 269 -18.23 34.29 28.46
CA ILE A 269 -19.35 33.57 27.88
C ILE A 269 -20.54 33.74 28.78
N ALA A 270 -21.63 34.25 28.22
CA ALA A 270 -22.91 34.28 28.90
C ALA A 270 -23.44 32.84 29.03
N GLY A 271 -23.77 32.42 30.22
CA GLY A 271 -24.44 31.13 30.32
C GLY A 271 -23.67 30.15 31.13
N ASN A 272 -23.95 28.86 30.94
CA ASN A 272 -23.53 27.84 31.89
C ASN A 272 -22.53 26.82 31.37
N SER A 273 -22.05 27.01 30.15
CA SER A 273 -21.07 26.09 29.57
C SER A 273 -19.92 26.79 28.84
N THR A 274 -18.75 26.18 28.90
CA THR A 274 -17.66 26.57 28.04
C THR A 274 -18.03 26.00 26.68
N GLU A 275 -17.37 26.44 25.63
CA GLU A 275 -17.53 25.71 24.39
CA GLU A 275 -17.49 25.74 24.35
C GLU A 275 -16.46 24.62 24.42
N GLN A 276 -16.29 23.90 23.34
CA GLN A 276 -15.23 22.91 23.30
C GLN A 276 -13.89 23.66 23.26
N GLU A 277 -13.08 23.42 24.29
CA GLU A 277 -11.77 24.01 24.43
C GLU A 277 -10.74 22.95 24.13
N THR A 278 -9.58 23.36 23.61
CA THR A 278 -8.46 22.45 23.41
C THR A 278 -7.33 22.86 24.34
N SER A 279 -6.89 21.97 25.23
CA SER A 279 -5.80 22.32 26.14
C SER A 279 -4.49 22.64 25.41
N THR A 280 -3.77 23.65 25.91
CA THR A 280 -2.45 24.02 25.37
C THR A 280 -1.41 23.81 26.51
N ASP A 281 -0.14 24.15 26.25
CA ASP A 281 0.86 24.10 27.33
C ASP A 281 0.60 25.13 28.44
N LYS A 282 -0.32 26.09 28.22
CA LYS A 282 -0.66 27.11 29.24
C LYS A 282 -1.67 26.60 30.28
N ASP A 283 -1.42 26.92 31.55
CA ASP A 283 -2.39 26.60 32.60
C ASP A 283 -3.71 27.37 32.34
N MET A 284 -4.83 26.67 32.47
CA MET A 284 -6.12 27.25 32.21
C MET A 284 -6.88 27.42 33.52
N THR A 285 -7.50 28.59 33.69
CA THR A 285 -8.47 28.86 34.75
C THR A 285 -9.81 29.26 34.20
N ILE A 286 -10.84 28.51 34.61
CA ILE A 286 -12.18 28.73 34.21
C ILE A 286 -13.01 29.08 35.47
N THR A 287 -13.60 30.26 35.48
CA THR A 287 -14.36 30.72 36.64
C THR A 287 -15.82 30.90 36.24
N PHE A 288 -16.70 30.18 36.92
CA PHE A 288 -18.15 30.37 36.78
C PHE A 288 -18.65 31.35 37.86
N THR A 289 -19.15 32.52 37.44
CA THR A 289 -19.75 33.51 38.35
C THR A 289 -21.28 33.37 38.36
N ASN A 290 -21.82 33.13 39.56
CA ASN A 290 -23.24 32.96 39.78
C ASN A 290 -23.74 34.13 40.60
N LYS A 291 -24.52 34.98 39.96
CA LYS A 291 -25.01 36.21 40.56
C LYS A 291 -26.51 36.11 40.85
N LYS A 292 -26.88 36.51 42.06
CA LYS A 292 -28.27 36.63 42.46
C LYS A 292 -28.53 37.93 43.23
N VAL A 293 -29.54 38.66 42.78
CA VAL A 293 -29.89 39.93 43.37
C VAL A 293 -31.42 40.10 43.49
N PHE A 294 -31.83 41.01 44.36
CA PHE A 294 -33.22 41.37 44.59
C PHE A 294 -33.75 42.31 43.49
N VAL B 14 39.61 4.85 -31.78
CA VAL B 14 40.11 4.76 -30.36
C VAL B 14 40.59 3.35 -30.02
N ASN B 15 41.88 3.27 -29.73
CA ASN B 15 42.56 2.02 -29.43
C ASN B 15 42.26 1.55 -28.00
N GLY B 16 42.59 0.31 -27.69
CA GLY B 16 42.53 -0.16 -26.32
C GLY B 16 41.62 -1.35 -26.14
N ALA B 17 41.72 -1.98 -24.98
CA ALA B 17 41.01 -3.21 -24.68
C ALA B 17 39.97 -3.10 -23.55
N LYS B 18 39.29 -1.97 -23.49
CA LYS B 18 38.13 -1.87 -22.62
C LYS B 18 36.95 -1.25 -23.34
N LEU B 19 35.74 -1.65 -22.94
CA LEU B 19 34.51 -1.17 -23.56
C LEU B 19 33.53 -0.65 -22.52
N THR B 20 33.18 0.63 -22.62
CA THR B 20 32.28 1.29 -21.67
C THR B 20 30.82 1.05 -22.06
N VAL B 21 30.00 0.78 -21.06
CA VAL B 21 28.55 0.65 -21.21
C VAL B 21 27.93 1.79 -20.42
N THR B 22 27.02 2.52 -21.07
CA THR B 22 26.28 3.61 -20.44
C THR B 22 24.81 3.23 -20.15
N LYS B 23 24.38 3.49 -18.91
CA LYS B 23 22.99 3.28 -18.51
C LYS B 23 22.33 4.59 -18.14
N ASN B 24 21.15 4.82 -18.72
CA ASN B 24 20.29 5.96 -18.41
C ASN B 24 18.89 5.54 -17.94
N LEU B 25 18.33 6.32 -17.04
CA LEU B 25 16.94 6.15 -16.60
C LEU B 25 16.11 7.32 -17.10
N ASP B 26 15.02 6.99 -17.78
CA ASP B 26 14.04 8.00 -18.19
CA ASP B 26 14.03 7.97 -18.20
C ASP B 26 12.84 7.95 -17.23
N LEU B 27 12.56 9.07 -16.57
CA LEU B 27 11.41 9.13 -15.63
C LEU B 27 10.17 9.71 -16.27
N VAL B 28 9.07 8.94 -16.23
CA VAL B 28 7.78 9.46 -16.71
C VAL B 28 7.37 10.65 -15.83
N ASN B 29 7.41 10.45 -14.51
CA ASN B 29 7.19 11.50 -13.54
C ASN B 29 8.58 11.91 -13.04
N SER B 30 8.97 13.15 -13.29
CA SER B 30 10.31 13.60 -12.94
C SER B 30 10.60 13.68 -11.42
N ASN B 31 9.55 13.57 -10.58
CA ASN B 31 9.70 13.49 -9.12
C ASN B 31 9.75 12.05 -8.57
N ALA B 32 9.87 11.07 -9.47
CA ALA B 32 9.84 9.65 -9.09
C ALA B 32 10.95 9.26 -8.14
N LEU B 33 10.66 8.31 -7.24
CA LEU B 33 11.68 7.73 -6.39
C LEU B 33 12.42 6.72 -7.25
N ILE B 34 13.73 6.61 -7.05
CA ILE B 34 14.56 5.67 -7.82
C ILE B 34 14.68 4.37 -7.02
N PRO B 35 14.29 3.23 -7.63
CA PRO B 35 14.37 1.94 -6.94
C PRO B 35 15.80 1.50 -6.65
N ASN B 36 15.98 0.76 -5.55
CA ASN B 36 17.26 0.07 -5.31
C ASN B 36 17.28 -1.17 -6.20
N THR B 37 18.14 -1.15 -7.21
CA THR B 37 18.23 -2.26 -8.12
C THR B 37 19.51 -2.19 -8.97
N ASP B 38 19.93 -3.34 -9.49
CA ASP B 38 21.04 -3.39 -10.41
C ASP B 38 20.54 -3.58 -11.83
N PHE B 39 21.30 -3.07 -12.80
CA PHE B 39 21.12 -3.50 -14.18
C PHE B 39 22.38 -4.22 -14.60
N THR B 40 22.18 -5.36 -15.23
CA THR B 40 23.23 -6.27 -15.55
C THR B 40 23.35 -6.35 -17.08
N PHE B 41 24.59 -6.33 -17.56
CA PHE B 41 24.93 -6.40 -18.98
C PHE B 41 25.78 -7.64 -19.24
N LYS B 42 25.46 -8.32 -20.32
CA LYS B 42 26.12 -9.55 -20.66
C LYS B 42 26.82 -9.42 -22.03
N ILE B 43 28.03 -9.96 -22.13
CA ILE B 43 28.71 -10.10 -23.43
C ILE B 43 28.99 -11.57 -23.71
N GLU B 44 28.77 -11.96 -24.95
CA GLU B 44 28.71 -13.35 -25.36
C GLU B 44 29.27 -13.44 -26.78
N PRO B 45 30.07 -14.50 -27.08
CA PRO B 45 30.41 -14.71 -28.49
C PRO B 45 29.17 -14.77 -29.41
N ASP B 46 29.30 -14.17 -30.59
CA ASP B 46 28.21 -14.07 -31.57
C ASP B 46 28.21 -15.38 -32.34
N THR B 47 27.16 -16.20 -32.15
CA THR B 47 27.03 -17.50 -32.83
C THR B 47 26.77 -17.37 -34.33
N THR B 48 26.08 -16.28 -34.71
CA THR B 48 25.51 -16.12 -36.05
C THR B 48 26.53 -15.71 -37.13
N VAL B 49 27.76 -15.42 -36.72
CA VAL B 49 28.70 -14.83 -37.65
C VAL B 49 29.28 -15.86 -38.65
N ASN B 50 29.41 -15.42 -39.91
CA ASN B 50 29.96 -16.27 -40.96
CA ASN B 50 29.96 -16.24 -40.98
C ASN B 50 31.48 -16.26 -40.92
N GLU B 51 32.05 -17.38 -40.46
CA GLU B 51 33.51 -17.47 -40.24
C GLU B 51 34.34 -17.64 -41.52
N ASP B 52 34.49 -16.56 -42.28
CA ASP B 52 35.49 -16.51 -43.33
C ASP B 52 36.85 -16.20 -42.70
N GLY B 53 37.87 -16.07 -43.53
CA GLY B 53 39.22 -15.81 -43.05
C GLY B 53 39.38 -14.65 -42.07
N ASN B 54 38.51 -13.65 -42.19
CA ASN B 54 38.61 -12.40 -41.42
C ASN B 54 37.75 -12.33 -40.15
N LYS B 55 36.49 -12.74 -40.25
CA LYS B 55 35.52 -12.64 -39.12
C LYS B 55 35.56 -13.89 -38.26
N PHE B 56 35.59 -13.70 -36.94
CA PHE B 56 35.61 -14.83 -36.02
C PHE B 56 34.55 -14.74 -34.92
N LYS B 57 34.05 -15.88 -34.45
CA LYS B 57 33.25 -15.89 -33.23
C LYS B 57 34.18 -15.40 -32.12
N GLY B 58 33.66 -14.54 -31.25
CA GLY B 58 34.45 -13.98 -30.17
C GLY B 58 34.92 -15.03 -29.17
N VAL B 59 35.93 -14.68 -28.38
CA VAL B 59 36.47 -15.61 -27.39
C VAL B 59 35.84 -15.23 -26.08
N ALA B 60 35.25 -16.23 -25.42
CA ALA B 60 34.56 -16.06 -24.15
C ALA B 60 35.43 -15.29 -23.15
N LEU B 61 34.85 -14.25 -22.53
CA LEU B 61 35.53 -13.49 -21.48
C LEU B 61 35.49 -14.26 -20.17
N ASN B 62 36.51 -14.04 -19.32
CA ASN B 62 36.52 -14.67 -17.98
C ASN B 62 35.41 -14.10 -17.11
N THR B 63 35.11 -12.81 -17.30
CA THR B 63 34.02 -12.13 -16.60
C THR B 63 33.02 -11.53 -17.60
N PRO B 64 32.07 -12.35 -18.09
CA PRO B 64 31.21 -11.94 -19.19
C PRO B 64 30.04 -11.02 -18.81
N MET B 65 29.99 -10.61 -17.56
CA MET B 65 28.93 -9.72 -17.12
C MET B 65 29.45 -8.58 -16.27
N THR B 66 28.86 -7.40 -16.45
CA THR B 66 29.14 -6.27 -15.59
C THR B 66 27.78 -5.68 -15.15
N LYS B 67 27.78 -4.67 -14.29
CA LYS B 67 26.53 -4.06 -13.84
C LYS B 67 26.67 -2.61 -13.39
N VAL B 68 25.52 -1.95 -13.25
CA VAL B 68 25.42 -0.68 -12.55
C VAL B 68 24.34 -0.85 -11.47
N THR B 69 24.49 -0.13 -10.38
CA THR B 69 23.58 -0.18 -9.25
C THR B 69 22.90 1.19 -9.10
N TYR B 70 21.58 1.22 -8.98
CA TYR B 70 20.84 2.41 -8.52
C TYR B 70 20.35 2.19 -7.10
N THR B 71 20.34 3.26 -6.32
CA THR B 71 19.75 3.25 -5.00
C THR B 71 18.74 4.41 -4.87
N ASN B 72 17.94 4.39 -3.80
CA ASN B 72 17.03 5.49 -3.47
C ASN B 72 17.71 6.86 -3.41
N SER B 73 18.98 6.89 -2.98
CA SER B 73 19.71 8.15 -2.79
C SER B 73 20.14 8.80 -4.13
N ASP B 74 19.99 8.08 -5.25
CA ASP B 74 20.24 8.64 -6.59
C ASP B 74 19.20 9.67 -7.05
N LYS B 75 18.08 9.73 -6.33
CA LYS B 75 17.03 10.71 -6.61
C LYS B 75 17.61 12.14 -6.68
N GLY B 76 17.34 12.86 -7.78
CA GLY B 76 17.83 14.22 -7.98
C GLY B 76 19.07 14.34 -8.87
N GLY B 77 19.85 13.26 -8.99
CA GLY B 77 21.07 13.26 -9.81
C GLY B 77 20.80 13.04 -11.30
N SER B 78 21.85 12.70 -12.03
CA SER B 78 21.73 12.52 -13.47
C SER B 78 21.03 11.20 -13.85
N ASN B 79 21.19 10.18 -13.00
CA ASN B 79 20.73 8.81 -13.30
C ASN B 79 21.46 8.15 -14.50
N THR B 80 22.61 8.69 -14.85
CA THR B 80 23.52 8.08 -15.86
C THR B 80 24.56 7.33 -15.08
N LYS B 81 24.74 6.05 -15.41
CA LYS B 81 25.78 5.26 -14.79
C LYS B 81 26.56 4.49 -15.84
N THR B 82 27.82 4.16 -15.52
CA THR B 82 28.70 3.45 -16.44
C THR B 82 29.35 2.25 -15.80
N ALA B 83 29.62 1.26 -16.66
CA ALA B 83 30.34 0.06 -16.29
C ALA B 83 31.19 -0.34 -17.47
N GLU B 84 31.94 -1.42 -17.32
CA GLU B 84 33.03 -1.67 -18.22
C GLU B 84 33.19 -3.16 -18.50
N PHE B 85 33.39 -3.52 -19.75
CA PHE B 85 33.91 -4.82 -20.09
C PHE B 85 35.42 -4.71 -20.33
N ASP B 86 36.15 -5.65 -19.75
CA ASP B 86 37.61 -5.71 -19.84
C ASP B 86 38.03 -6.88 -20.72
N PHE B 87 38.57 -6.57 -21.89
CA PHE B 87 39.07 -7.59 -22.82
C PHE B 87 40.56 -7.93 -22.61
N SER B 88 41.17 -7.39 -21.56
CA SER B 88 42.62 -7.51 -21.31
C SER B 88 43.15 -8.92 -21.10
N GLU B 89 42.42 -9.77 -20.36
CA GLU B 89 42.85 -11.16 -20.09
C GLU B 89 42.46 -12.17 -21.19
N VAL B 90 41.85 -11.68 -22.28
CA VAL B 90 41.47 -12.56 -23.40
C VAL B 90 42.67 -12.87 -24.30
N THR B 91 42.92 -14.16 -24.51
CA THR B 91 43.93 -14.61 -25.43
C THR B 91 43.29 -14.85 -26.77
N PHE B 92 43.73 -14.08 -27.76
CA PHE B 92 43.31 -14.36 -29.12
C PHE B 92 44.43 -15.13 -29.81
N GLU B 93 44.09 -16.24 -30.48
CA GLU B 93 45.09 -17.12 -31.08
C GLU B 93 45.67 -16.56 -32.36
N LYS B 94 44.86 -15.79 -33.07
CA LYS B 94 45.28 -15.18 -34.32
C LYS B 94 44.61 -13.83 -34.50
N PRO B 95 45.13 -13.02 -35.44
CA PRO B 95 44.48 -11.77 -35.78
C PRO B 95 43.17 -12.04 -36.49
N GLY B 96 42.23 -11.12 -36.36
CA GLY B 96 40.94 -11.27 -36.98
C GLY B 96 40.02 -10.24 -36.40
N VAL B 97 38.78 -10.20 -36.90
CA VAL B 97 37.73 -9.40 -36.30
C VAL B 97 36.81 -10.35 -35.54
N TYR B 98 36.83 -10.24 -34.20
CA TYR B 98 36.09 -11.14 -33.33
C TYR B 98 34.74 -10.53 -32.92
N TYR B 99 33.69 -11.33 -33.06
CA TYR B 99 32.31 -10.89 -32.90
C TYR B 99 31.68 -11.36 -31.60
N TYR B 100 31.08 -10.40 -30.90
CA TYR B 100 30.34 -10.60 -29.66
C TYR B 100 28.97 -9.90 -29.74
N LYS B 101 28.10 -10.23 -28.79
CA LYS B 101 26.86 -9.53 -28.61
C LYS B 101 26.72 -9.07 -27.16
N VAL B 102 26.36 -7.80 -27.01
CA VAL B 102 26.14 -7.19 -25.70
C VAL B 102 24.64 -6.86 -25.57
N THR B 103 24.08 -7.33 -24.46
CA THR B 103 22.67 -7.11 -24.15
C THR B 103 22.57 -6.71 -22.69
N GLU B 104 21.40 -6.21 -22.32
CA GLU B 104 21.04 -6.03 -20.92
C GLU B 104 20.16 -7.20 -20.47
N GLU B 105 20.51 -7.80 -19.34
CA GLU B 105 19.74 -8.91 -18.83
C GLU B 105 19.09 -8.51 -17.54
N LYS B 106 17.91 -9.05 -17.27
CA LYS B 106 17.38 -8.95 -15.91
C LYS B 106 16.58 -10.15 -15.49
N ILE B 107 17.01 -10.70 -14.34
CA ILE B 107 16.56 -11.95 -13.81
C ILE B 107 15.24 -11.79 -13.10
N ASP B 108 15.14 -10.70 -12.32
CA ASP B 108 14.03 -10.46 -11.41
C ASP B 108 13.57 -9.03 -11.66
N LYS B 109 12.73 -8.88 -12.69
CA LYS B 109 12.24 -7.59 -13.19
CA LYS B 109 12.36 -7.56 -13.15
C LYS B 109 11.64 -6.68 -12.12
N VAL B 110 12.11 -5.46 -12.02
CA VAL B 110 11.58 -4.50 -11.03
C VAL B 110 10.26 -3.93 -11.53
N PRO B 111 9.21 -3.93 -10.67
CA PRO B 111 7.92 -3.33 -11.11
C PRO B 111 8.06 -1.86 -11.55
N GLY B 112 7.35 -1.49 -12.61
CA GLY B 112 7.43 -0.12 -13.17
C GLY B 112 8.64 0.20 -14.03
N VAL B 113 9.58 -0.74 -14.12
CA VAL B 113 10.77 -0.55 -14.93
C VAL B 113 10.62 -1.28 -16.27
N SER B 114 10.79 -0.52 -17.36
CA SER B 114 10.86 -1.07 -18.71
C SER B 114 12.29 -1.39 -19.06
N TYR B 115 12.59 -2.61 -19.52
CA TYR B 115 13.98 -3.05 -19.75
C TYR B 115 14.38 -3.01 -21.21
N ASP B 116 15.54 -2.40 -21.49
CA ASP B 116 16.01 -2.18 -22.84
C ASP B 116 16.27 -3.50 -23.56
N THR B 117 15.69 -3.68 -24.73
CA THR B 117 15.84 -4.95 -25.45
C THR B 117 16.93 -4.94 -26.52
N THR B 118 17.62 -3.83 -26.62
CA THR B 118 18.63 -3.65 -27.66
C THR B 118 19.73 -4.70 -27.52
N SER B 119 20.10 -5.28 -28.65
CA SER B 119 21.29 -6.13 -28.72
C SER B 119 22.31 -5.45 -29.65
N TYR B 120 23.47 -5.13 -29.12
CA TYR B 120 24.62 -4.62 -29.87
C TYR B 120 25.54 -5.73 -30.37
N THR B 121 26.09 -5.53 -31.54
CA THR B 121 27.18 -6.31 -32.10
C THR B 121 28.46 -5.54 -31.78
N VAL B 122 29.40 -6.20 -31.13
CA VAL B 122 30.71 -5.64 -30.81
C VAL B 122 31.77 -6.38 -31.65
N GLN B 123 32.58 -5.63 -32.39
CA GLN B 123 33.70 -6.14 -33.17
C GLN B 123 34.99 -5.84 -32.45
N VAL B 124 35.79 -6.87 -32.19
CA VAL B 124 37.10 -6.66 -31.57
C VAL B 124 38.13 -6.88 -32.66
N HIS B 125 38.89 -5.84 -32.98
CA HIS B 125 39.91 -5.87 -34.02
C HIS B 125 41.22 -6.22 -33.34
N VAL B 126 41.68 -7.43 -33.63
CA VAL B 126 42.90 -7.99 -33.09
C VAL B 126 43.94 -8.01 -34.23
N LEU B 127 44.97 -7.21 -34.08
CA LEU B 127 45.93 -7.02 -35.14
C LEU B 127 47.21 -7.72 -34.76
N TRP B 128 47.96 -8.17 -35.76
CA TRP B 128 49.32 -8.56 -35.50
C TRP B 128 50.10 -7.34 -34.99
N ASN B 129 50.75 -7.52 -33.85
CA ASN B 129 51.58 -6.47 -33.22
C ASN B 129 53.06 -6.88 -33.33
N GLU B 130 53.80 -6.16 -34.17
CA GLU B 130 55.18 -6.48 -34.48
C GLU B 130 56.09 -6.24 -33.28
N GLU B 131 55.76 -5.27 -32.44
CA GLU B 131 56.56 -4.96 -31.24
C GLU B 131 56.45 -6.12 -30.24
N GLN B 132 55.23 -6.57 -29.98
CA GLN B 132 54.96 -7.62 -29.01
C GLN B 132 54.99 -9.01 -29.63
N GLN B 133 55.15 -9.09 -30.95
CA GLN B 133 55.16 -10.38 -31.65
C GLN B 133 53.99 -11.31 -31.29
N LYS B 134 52.79 -10.76 -31.14
CA LYS B 134 51.55 -11.55 -31.01
C LYS B 134 50.34 -10.74 -31.51
N PRO B 135 49.18 -11.40 -31.61
CA PRO B 135 47.94 -10.72 -31.90
C PRO B 135 47.48 -9.95 -30.68
N VAL B 136 47.12 -8.69 -30.89
CA VAL B 136 46.71 -7.80 -29.82
C VAL B 136 45.37 -7.14 -30.16
N ALA B 137 44.43 -7.20 -29.21
CA ALA B 137 43.15 -6.51 -29.31
C ALA B 137 43.48 -5.03 -29.34
N THR B 138 43.16 -4.38 -30.46
CA THR B 138 43.60 -2.99 -30.68
C THR B 138 42.47 -1.97 -30.79
N TYR B 139 41.37 -2.33 -31.45
CA TYR B 139 40.21 -1.44 -31.58
C TYR B 139 38.99 -2.23 -31.19
N ILE B 140 38.06 -1.57 -30.51
CA ILE B 140 36.77 -2.18 -30.17
C ILE B 140 35.65 -1.25 -30.62
N VAL B 141 34.77 -1.75 -31.50
CA VAL B 141 33.69 -0.96 -32.10
C VAL B 141 32.29 -1.60 -31.87
N GLY B 142 31.35 -0.82 -31.35
CA GLY B 142 29.97 -1.27 -31.14
C GLY B 142 29.06 -0.86 -32.28
N TYR B 143 28.15 -1.75 -32.66
CA TYR B 143 27.19 -1.51 -33.74
C TYR B 143 25.76 -1.81 -33.31
N LYS B 144 24.83 -0.99 -33.79
CA LYS B 144 23.41 -1.25 -33.71
C LYS B 144 22.89 -1.13 -35.13
N GLU B 145 22.51 -2.28 -35.71
CA GLU B 145 22.00 -2.37 -37.08
C GLU B 145 22.95 -1.77 -38.11
N GLY B 146 24.20 -2.20 -38.08
CA GLY B 146 25.19 -1.74 -39.06
C GLY B 146 25.64 -0.30 -38.88
N SER B 147 25.13 0.37 -37.84
CA SER B 147 25.58 1.73 -37.49
C SER B 147 26.45 1.76 -36.22
N LYS B 148 27.64 2.34 -36.35
CA LYS B 148 28.58 2.53 -35.24
C LYS B 148 27.98 3.45 -34.18
N VAL B 149 27.99 2.98 -32.94
CA VAL B 149 27.34 3.67 -31.83
C VAL B 149 28.06 3.37 -30.51
N PRO B 150 27.95 4.26 -29.51
CA PRO B 150 28.40 3.83 -28.19
C PRO B 150 27.38 2.82 -27.64
N ILE B 151 27.84 2.01 -26.70
CA ILE B 151 26.95 1.08 -26.06
C ILE B 151 26.23 1.73 -24.90
N GLN B 152 24.92 1.87 -25.05
CA GLN B 152 24.13 2.53 -24.02
C GLN B 152 22.76 1.91 -23.95
N PHE B 153 22.29 1.71 -22.73
CA PHE B 153 21.00 1.11 -22.47
C PHE B 153 20.13 2.12 -21.72
N LYS B 154 18.83 2.09 -22.00
CA LYS B 154 17.96 3.04 -21.37
C LYS B 154 16.70 2.34 -20.86
N ALA B 155 16.43 2.53 -19.56
CA ALA B 155 15.23 2.06 -18.93
C ALA B 155 14.30 3.22 -18.65
N SER B 156 13.02 2.95 -18.81
CA SER B 156 11.99 3.88 -18.38
C SER B 156 11.43 3.48 -17.01
N LEU B 157 11.27 4.45 -16.14
CA LEU B 157 10.70 4.20 -14.83
C LEU B 157 9.30 4.86 -14.73
N ASP B 158 8.28 4.05 -14.54
CA ASP B 158 6.91 4.53 -14.38
C ASP B 158 6.58 4.71 -12.91
N SER B 159 5.58 5.52 -12.62
CA SER B 159 5.07 5.61 -11.27
C SER B 159 3.59 5.93 -11.38
N THR B 160 2.93 6.09 -10.24
CA THR B 160 1.50 6.18 -10.25
C THR B 160 0.95 7.21 -9.25
N THR B 161 -0.37 7.25 -9.11
CA THR B 161 -1.01 8.15 -8.15
C THR B 161 -2.06 7.41 -7.33
N LEU B 162 -2.36 7.96 -6.16
CA LEU B 162 -3.44 7.48 -5.33
C LEU B 162 -4.24 8.68 -4.80
N THR B 163 -5.53 8.73 -5.14
CA THR B 163 -6.43 9.76 -4.65
C THR B 163 -7.40 9.23 -3.62
N VAL B 164 -7.53 9.95 -2.51
CA VAL B 164 -8.49 9.61 -1.45
C VAL B 164 -9.41 10.80 -1.25
N LYS B 165 -10.72 10.52 -1.27
CA LYS B 165 -11.74 11.53 -1.21
C LYS B 165 -12.78 11.21 -0.13
N LYS B 166 -13.41 12.25 0.38
CA LYS B 166 -14.46 12.10 1.35
C LYS B 166 -15.77 12.63 0.77
N LYS B 167 -16.83 11.85 0.93
CA LYS B 167 -18.18 12.28 0.62
C LYS B 167 -19.06 12.12 1.84
N VAL B 168 -19.79 13.18 2.20
CA VAL B 168 -20.78 13.09 3.28
C VAL B 168 -22.17 13.15 2.69
N SER B 169 -23.05 12.27 3.17
CA SER B 169 -24.45 12.27 2.72
C SER B 169 -25.43 12.12 3.88
N GLY B 170 -26.71 12.22 3.54
CA GLY B 170 -27.81 12.11 4.51
C GLY B 170 -28.04 13.43 5.20
N THR B 171 -29.29 13.69 5.56
CA THR B 171 -29.70 14.97 6.14
C THR B 171 -29.12 15.19 7.53
N GLY B 172 -28.57 14.15 8.13
CA GLY B 172 -27.85 14.32 9.40
C GLY B 172 -26.37 14.65 9.27
N GLY B 173 -25.83 14.46 8.06
CA GLY B 173 -24.39 14.51 7.82
C GLY B 173 -23.84 15.92 7.92
N ASP B 174 -22.81 16.09 8.73
CA ASP B 174 -22.16 17.38 8.93
C ASP B 174 -21.09 17.62 7.83
N ARG B 175 -21.37 18.54 6.90
CA ARG B 175 -20.44 18.81 5.79
C ARG B 175 -19.21 19.65 6.23
N SER B 176 -19.23 20.13 7.47
CA SER B 176 -18.12 20.90 8.03
CA SER B 176 -18.10 20.88 7.99
C SER B 176 -17.19 20.05 8.90
N LYS B 177 -17.58 18.79 9.14
CA LYS B 177 -16.82 17.90 10.00
C LYS B 177 -15.51 17.41 9.36
N ASP B 178 -14.44 17.30 10.16
CA ASP B 178 -13.17 16.76 9.71
C ASP B 178 -13.12 15.30 10.09
N PHE B 179 -13.04 14.42 9.10
CA PHE B 179 -12.89 12.99 9.41
C PHE B 179 -11.42 12.63 9.41
N ASN B 180 -11.01 11.84 10.39
CA ASN B 180 -9.60 11.44 10.54
C ASN B 180 -9.32 10.18 9.75
N PHE B 181 -8.17 10.16 9.08
CA PHE B 181 -7.74 9.10 8.20
C PHE B 181 -6.29 8.74 8.49
N GLY B 182 -5.89 7.53 8.08
CA GLY B 182 -4.49 7.13 8.04
C GLY B 182 -4.14 6.48 6.69
N LEU B 183 -2.97 6.83 6.14
CA LEU B 183 -2.38 6.20 4.95
C LEU B 183 -1.05 5.51 5.31
N THR B 184 -0.90 4.22 4.99
CA THR B 184 0.40 3.56 5.17
C THR B 184 0.90 2.96 3.88
N LEU B 185 2.08 3.40 3.46
CA LEU B 185 2.79 2.78 2.35
C LEU B 185 3.86 1.88 2.93
N LYS B 186 3.87 0.63 2.51
CA LYS B 186 4.81 -0.36 3.06
C LYS B 186 6.14 -0.34 2.31
N ALA B 187 7.23 -0.30 3.08
CA ALA B 187 8.59 -0.44 2.54
C ALA B 187 8.76 -1.85 1.94
N ASN B 188 9.63 -1.96 0.94
CA ASN B 188 9.97 -3.24 0.31
C ASN B 188 11.42 -3.11 -0.11
N GLN B 189 12.00 -4.11 -0.77
CA GLN B 189 13.41 -4.04 -1.16
C GLN B 189 13.73 -2.88 -2.10
N TYR B 190 12.76 -2.44 -2.88
CA TYR B 190 13.01 -1.37 -3.83
C TYR B 190 12.92 0.03 -3.28
N TYR B 191 12.05 0.24 -2.27
CA TYR B 191 11.81 1.56 -1.71
C TYR B 191 11.86 1.48 -0.17
N LYS B 192 12.95 1.98 0.42
CA LYS B 192 13.19 1.85 1.86
CA LYS B 192 13.21 1.87 1.87
C LYS B 192 12.38 2.84 2.69
N ALA B 193 12.34 2.60 4.00
CA ALA B 193 11.56 3.41 4.95
C ALA B 193 12.08 4.86 5.10
N SER B 194 13.32 5.09 4.67
CA SER B 194 13.91 6.42 4.65
C SER B 194 13.41 7.33 3.51
N GLU B 195 12.52 6.84 2.65
CA GLU B 195 12.11 7.61 1.47
C GLU B 195 10.81 8.35 1.66
N LYS B 196 10.65 9.46 0.95
CA LYS B 196 9.41 10.25 1.05
C LYS B 196 8.64 10.31 -0.26
N VAL B 197 7.31 10.32 -0.15
CA VAL B 197 6.41 10.62 -1.28
C VAL B 197 5.69 11.95 -1.08
N MET B 198 5.18 12.50 -2.18
CA MET B 198 4.55 13.82 -2.19
C MET B 198 3.04 13.69 -2.12
N ILE B 199 2.45 14.44 -1.19
CA ILE B 199 0.98 14.44 -1.00
C ILE B 199 0.44 15.83 -1.27
N GLU B 200 -0.64 15.90 -2.02
CA GLU B 200 -1.31 17.15 -2.28
C GLU B 200 -2.71 17.08 -1.74
N LYS B 201 -3.02 17.97 -0.82
CA LYS B 201 -4.36 18.08 -0.32
C LYS B 201 -5.16 19.25 -0.95
N THR B 202 -6.33 18.92 -1.48
CA THR B 202 -7.28 19.90 -2.05
C THR B 202 -8.41 20.12 -1.05
N THR B 203 -8.68 21.37 -0.70
CA THR B 203 -9.72 21.65 0.28
C THR B 203 -10.93 22.29 -0.36
N LYS B 204 -12.03 22.22 0.37
CA LYS B 204 -13.36 22.62 -0.08
C LYS B 204 -13.34 23.82 -1.06
N GLY B 205 -12.73 24.94 -0.64
CA GLY B 205 -12.59 26.11 -1.52
C GLY B 205 -11.22 26.76 -1.61
N GLY B 206 -10.20 25.99 -2.02
CA GLY B 206 -8.81 26.51 -2.10
C GLY B 206 -8.29 26.89 -3.48
N GLN B 207 -7.35 27.84 -3.50
CA GLN B 207 -6.66 28.35 -4.71
C GLN B 207 -5.92 27.28 -5.48
N ALA B 208 -5.43 26.27 -4.75
CA ALA B 208 -4.46 25.33 -5.24
C ALA B 208 -4.22 24.32 -4.11
N PRO B 209 -3.76 23.11 -4.46
CA PRO B 209 -3.56 22.07 -3.44
C PRO B 209 -2.38 22.41 -2.50
N VAL B 210 -2.36 21.78 -1.31
CA VAL B 210 -1.26 22.00 -0.36
C VAL B 210 -0.36 20.76 -0.25
N GLN B 211 0.92 20.94 -0.55
CA GLN B 211 1.87 19.81 -0.61
C GLN B 211 2.51 19.45 0.72
N THR B 212 2.49 18.16 1.04
CA THR B 212 3.24 17.61 2.17
C THR B 212 3.99 16.35 1.74
N GLU B 213 4.69 15.73 2.67
CA GLU B 213 5.38 14.49 2.42
C GLU B 213 4.98 13.44 3.44
N ALA B 214 4.87 12.19 2.99
CA ALA B 214 4.68 11.07 3.87
C ALA B 214 5.95 10.22 3.75
N SER B 215 6.31 9.56 4.85
CA SER B 215 7.40 8.60 4.84
C SER B 215 6.88 7.21 4.50
N ILE B 216 7.58 6.53 3.60
CA ILE B 216 7.32 5.13 3.42
C ILE B 216 7.51 4.38 4.75
N ASP B 217 6.54 3.53 5.07
CA ASP B 217 6.52 2.63 6.25
C ASP B 217 6.04 3.33 7.51
N GLN B 218 5.60 4.57 7.38
CA GLN B 218 5.11 5.32 8.53
C GLN B 218 3.66 5.80 8.33
N LEU B 219 2.81 5.50 9.29
CA LEU B 219 1.43 5.95 9.22
C LEU B 219 1.37 7.46 8.99
N TYR B 220 0.67 7.85 7.91
CA TYR B 220 0.47 9.26 7.57
C TYR B 220 -0.96 9.65 7.96
N HIS B 221 -1.08 10.52 8.96
CA HIS B 221 -2.35 11.04 9.44
C HIS B 221 -2.79 12.20 8.58
N PHE B 222 -4.07 12.20 8.21
CA PHE B 222 -4.65 13.35 7.52
C PHE B 222 -6.13 13.43 7.86
N THR B 223 -6.75 14.55 7.54
CA THR B 223 -8.17 14.75 7.77
C THR B 223 -8.87 15.23 6.47
N LEU B 224 -10.14 14.91 6.31
CA LEU B 224 -10.90 15.40 5.17
C LEU B 224 -12.32 15.75 5.58
N LYS B 225 -12.79 16.87 5.05
CA LYS B 225 -14.21 17.21 5.07
C LYS B 225 -14.84 16.75 3.75
N ASP B 226 -16.17 16.74 3.74
CA ASP B 226 -16.89 16.52 2.51
C ASP B 226 -16.29 17.29 1.31
N GLY B 227 -16.09 16.60 0.19
CA GLY B 227 -15.61 17.23 -1.06
C GLY B 227 -14.10 17.48 -1.13
N GLU B 228 -13.39 17.06 -0.08
CA GLU B 228 -11.95 17.27 -0.03
C GLU B 228 -11.21 15.98 -0.42
N SER B 229 -9.95 16.11 -0.79
CA SER B 229 -9.15 14.95 -1.16
C SER B 229 -7.68 15.17 -0.86
N ILE B 230 -6.93 14.06 -0.83
CA ILE B 230 -5.47 14.08 -0.94
C ILE B 230 -5.07 13.20 -2.12
N LYS B 231 -3.88 13.46 -2.64
CA LYS B 231 -3.38 12.70 -3.75
C LYS B 231 -1.90 12.50 -3.53
N VAL B 232 -1.47 11.24 -3.43
CA VAL B 232 -0.06 10.88 -3.54
C VAL B 232 0.32 10.98 -5.03
N THR B 233 1.22 11.89 -5.37
CA THR B 233 1.46 12.25 -6.78
C THR B 233 2.59 11.45 -7.43
N ASN B 234 3.44 10.83 -6.62
CA ASN B 234 4.56 10.04 -7.16
C ASN B 234 4.66 8.69 -6.46
N LEU B 235 3.54 8.00 -6.30
CA LEU B 235 3.52 6.70 -5.65
C LEU B 235 4.22 5.68 -6.58
N PRO B 236 5.25 4.98 -6.06
CA PRO B 236 5.93 4.04 -6.92
C PRO B 236 5.04 2.82 -7.22
N VAL B 237 5.24 2.21 -8.38
CA VAL B 237 4.61 0.94 -8.75
C VAL B 237 5.14 -0.21 -7.88
N GLY B 238 4.23 -1.09 -7.42
CA GLY B 238 4.61 -2.30 -6.68
C GLY B 238 4.67 -2.09 -5.16
N VAL B 239 4.03 -1.02 -4.67
CA VAL B 239 4.08 -0.71 -3.26
C VAL B 239 2.73 -0.98 -2.63
N ASP B 240 2.76 -1.82 -1.60
CA ASP B 240 1.57 -2.12 -0.83
C ASP B 240 1.15 -0.93 0.00
N TYR B 241 -0.15 -0.73 0.09
CA TYR B 241 -0.65 0.35 0.90
C TYR B 241 -2.02 0.00 1.47
N VAL B 242 -2.37 0.67 2.57
CA VAL B 242 -3.65 0.58 3.25
C VAL B 242 -4.15 2.01 3.55
N VAL B 243 -5.42 2.27 3.29
CA VAL B 243 -6.05 3.53 3.69
C VAL B 243 -7.21 3.24 4.66
N THR B 244 -7.24 3.99 5.75
CA THR B 244 -8.18 3.77 6.85
C THR B 244 -8.85 5.08 7.33
N GLU B 245 -10.12 5.01 7.68
CA GLU B 245 -10.77 6.14 8.33
C GLU B 245 -11.10 5.72 9.75
N ASP B 246 -11.09 6.67 10.68
CA ASP B 246 -11.49 6.39 12.04
C ASP B 246 -12.93 5.91 12.03
N ASP B 247 -13.31 5.22 13.09
CA ASP B 247 -14.65 4.66 13.19
C ASP B 247 -15.56 5.73 13.75
N TYR B 248 -16.63 6.01 13.01
CA TYR B 248 -17.56 7.07 13.39
C TYR B 248 -19.00 6.59 13.76
N LYS B 249 -19.13 5.31 14.08
CA LYS B 249 -20.40 4.70 14.46
C LYS B 249 -21.04 5.31 15.71
N SER B 250 -20.21 5.76 16.64
CA SER B 250 -20.71 6.31 17.90
C SER B 250 -21.27 7.71 17.68
N GLU B 251 -20.92 8.31 16.55
CA GLU B 251 -21.51 9.55 16.13
C GLU B 251 -22.62 9.34 15.10
N LYS B 252 -23.01 8.07 14.92
CA LYS B 252 -24.14 7.66 14.07
C LYS B 252 -23.90 7.80 12.57
N TYR B 253 -22.65 7.68 12.14
CA TYR B 253 -22.37 7.60 10.73
C TYR B 253 -22.21 6.15 10.37
N THR B 254 -22.70 5.78 9.20
CA THR B 254 -22.25 4.57 8.55
C THR B 254 -21.19 4.97 7.52
N THR B 255 -20.23 4.08 7.27
CA THR B 255 -19.13 4.38 6.39
C THR B 255 -18.93 3.25 5.40
N ASN B 256 -18.79 3.62 4.13
CA ASN B 256 -18.47 2.66 3.09
C ASN B 256 -17.33 3.18 2.21
N VAL B 257 -16.59 2.27 1.60
CA VAL B 257 -15.41 2.59 0.82
C VAL B 257 -15.57 2.12 -0.62
N GLU B 258 -15.31 3.02 -1.56
CA GLU B 258 -15.32 2.71 -2.99
C GLU B 258 -13.89 2.74 -3.53
N VAL B 259 -13.43 1.61 -4.07
CA VAL B 259 -12.09 1.48 -4.64
C VAL B 259 -12.23 1.40 -6.17
N SER B 260 -11.52 2.27 -6.87
CA SER B 260 -11.71 2.49 -8.32
C SER B 260 -10.42 2.77 -9.14
N PRO B 261 -9.93 1.78 -9.92
CA PRO B 261 -8.73 1.89 -10.78
C PRO B 261 -8.89 2.64 -12.14
N GLN B 262 -10.10 3.07 -12.47
CA GLN B 262 -10.35 3.97 -13.61
C GLN B 262 -10.32 3.28 -14.98
N ASP B 263 -10.62 1.98 -15.00
CA ASP B 263 -10.84 1.27 -16.25
C ASP B 263 -12.34 1.10 -16.55
N GLY B 264 -13.17 1.32 -15.52
CA GLY B 264 -14.62 1.13 -15.65
C GLY B 264 -15.12 -0.03 -14.82
N ALA B 265 -14.58 -0.18 -13.60
CA ALA B 265 -14.98 -1.25 -12.64
C ALA B 265 -14.72 -0.88 -11.19
N VAL B 266 -15.78 -0.47 -10.51
CA VAL B 266 -15.69 0.03 -9.15
C VAL B 266 -16.00 -1.05 -8.10
N LYS B 267 -15.15 -1.10 -7.07
CA LYS B 267 -15.27 -2.03 -5.94
C LYS B 267 -15.81 -1.33 -4.69
N ASN B 268 -16.78 -1.95 -4.02
CA ASN B 268 -17.40 -1.37 -2.83
C ASN B 268 -17.13 -2.23 -1.59
N ILE B 269 -16.89 -1.57 -0.47
CA ILE B 269 -16.52 -2.27 0.75
C ILE B 269 -17.20 -1.62 1.93
N ALA B 270 -17.93 -2.42 2.71
CA ALA B 270 -18.49 -1.96 3.97
C ALA B 270 -17.34 -1.76 4.95
N GLY B 271 -17.40 -0.70 5.74
CA GLY B 271 -16.41 -0.49 6.78
C GLY B 271 -15.53 0.72 6.54
N ASN B 272 -14.51 0.87 7.37
CA ASN B 272 -13.68 2.04 7.35
C ASN B 272 -12.24 1.83 6.89
N SER B 273 -11.96 0.71 6.23
CA SER B 273 -10.63 0.43 5.74
C SER B 273 -10.62 -0.21 4.37
N THR B 274 -9.63 0.13 3.57
CA THR B 274 -9.35 -0.65 2.36
C THR B 274 -8.66 -1.92 2.80
N GLU B 275 -8.66 -2.92 1.94
CA GLU B 275 -7.80 -4.09 2.10
CA GLU B 275 -7.80 -4.05 2.21
C GLU B 275 -6.38 -3.66 1.76
N GLN B 276 -5.40 -4.52 2.01
CA GLN B 276 -4.04 -4.20 1.61
C GLN B 276 -3.98 -4.29 0.08
N GLU B 277 -3.73 -3.16 -0.57
CA GLU B 277 -3.62 -3.11 -2.04
C GLU B 277 -2.17 -3.00 -2.51
N THR B 278 -1.92 -3.37 -3.76
CA THR B 278 -0.61 -3.21 -4.36
C THR B 278 -0.73 -2.18 -5.49
N SER B 279 0.06 -1.11 -5.44
CA SER B 279 0.00 -0.12 -6.51
C SER B 279 0.40 -0.74 -7.86
N THR B 280 -0.28 -0.32 -8.92
CA THR B 280 0.02 -0.81 -10.26
C THR B 280 0.28 0.42 -11.12
N ASP B 281 0.35 0.25 -12.44
CA ASP B 281 0.50 1.36 -13.36
C ASP B 281 -0.78 2.20 -13.50
N LYS B 282 -1.88 1.73 -12.90
CA LYS B 282 -3.18 2.40 -13.02
C LYS B 282 -3.34 3.40 -11.88
N ASP B 283 -3.87 4.59 -12.19
CA ASP B 283 -4.19 5.60 -11.18
C ASP B 283 -5.37 5.11 -10.34
N MET B 284 -5.23 5.16 -9.02
CA MET B 284 -6.25 4.63 -8.13
C MET B 284 -7.00 5.76 -7.41
N THR B 285 -8.32 5.60 -7.31
CA THR B 285 -9.17 6.52 -6.56
C THR B 285 -9.98 5.79 -5.48
N ILE B 286 -9.93 6.30 -4.25
CA ILE B 286 -10.55 5.68 -3.10
C ILE B 286 -11.47 6.72 -2.44
N THR B 287 -12.79 6.47 -2.46
CA THR B 287 -13.77 7.41 -1.91
C THR B 287 -14.40 6.81 -0.66
N PHE B 288 -14.27 7.51 0.46
CA PHE B 288 -14.98 7.18 1.68
C PHE B 288 -16.29 7.98 1.78
N THR B 289 -17.42 7.26 1.88
CA THR B 289 -18.74 7.88 2.07
C THR B 289 -19.25 7.69 3.51
N ASN B 290 -19.49 8.81 4.17
CA ASN B 290 -20.01 8.82 5.50
C ASN B 290 -21.45 9.39 5.46
N LYS B 291 -22.39 8.54 5.87
CA LYS B 291 -23.80 8.80 5.76
C LYS B 291 -24.38 8.82 7.16
N LYS B 292 -25.19 9.84 7.42
CA LYS B 292 -25.94 9.93 8.68
C LYS B 292 -27.33 10.48 8.43
N VAL B 293 -28.33 9.73 8.91
CA VAL B 293 -29.75 10.08 8.83
C VAL B 293 -30.34 10.12 10.22
N PHE B 294 -31.47 10.82 10.40
CA PHE B 294 -32.18 10.88 11.68
C PHE B 294 -33.30 9.86 11.79
N ASN C 15 -31.43 -8.18 13.77
CA ASN C 15 -31.70 -6.87 14.43
C ASN C 15 -31.11 -5.73 13.66
N GLY C 16 -31.95 -4.77 13.29
CA GLY C 16 -31.52 -3.62 12.48
C GLY C 16 -32.02 -3.73 11.06
N ALA C 17 -31.89 -2.64 10.30
CA ALA C 17 -32.50 -2.51 8.98
C ALA C 17 -31.51 -2.74 7.82
N LYS C 18 -30.47 -3.54 8.06
CA LYS C 18 -29.56 -3.88 6.97
C LYS C 18 -29.37 -5.38 6.75
N LEU C 19 -29.27 -5.77 5.48
CA LEU C 19 -29.27 -7.17 5.11
C LEU C 19 -28.01 -7.49 4.28
N THR C 20 -27.12 -8.28 4.87
CA THR C 20 -25.88 -8.68 4.22
C THR C 20 -26.13 -9.85 3.29
N VAL C 21 -25.52 -9.76 2.11
CA VAL C 21 -25.49 -10.84 1.13
C VAL C 21 -24.03 -11.27 0.98
N THR C 22 -23.81 -12.57 0.89
CA THR C 22 -22.46 -13.16 0.71
C THR C 22 -22.34 -13.92 -0.63
N LYS C 23 -21.15 -13.84 -1.20
CA LYS C 23 -20.84 -14.54 -2.43
C LYS C 23 -19.54 -15.30 -2.26
N ASN C 24 -19.55 -16.57 -2.68
CA ASN C 24 -18.36 -17.40 -2.77
C ASN C 24 -18.14 -17.80 -4.22
N LEU C 25 -16.89 -17.75 -4.64
CA LEU C 25 -16.52 -18.25 -5.96
C LEU C 25 -15.67 -19.49 -5.80
N ASP C 26 -16.21 -20.62 -6.26
CA ASP C 26 -15.54 -21.91 -6.18
C ASP C 26 -14.67 -22.19 -7.41
N LEU C 27 -13.34 -22.27 -7.24
CA LEU C 27 -12.42 -22.60 -8.35
C LEU C 27 -12.40 -24.11 -8.68
N VAL C 28 -12.62 -24.48 -9.94
CA VAL C 28 -12.51 -25.88 -10.34
C VAL C 28 -11.02 -26.29 -10.38
N ASN C 29 -10.22 -25.52 -11.10
CA ASN C 29 -8.76 -25.60 -11.03
C ASN C 29 -8.30 -24.61 -9.95
N SER C 30 -7.65 -25.11 -8.89
CA SER C 30 -7.26 -24.25 -7.75
C SER C 30 -6.23 -23.17 -8.13
N ASN C 31 -5.59 -23.34 -9.28
CA ASN C 31 -4.64 -22.34 -9.81
C ASN C 31 -5.30 -21.35 -10.76
N ALA C 32 -6.63 -21.37 -10.85
CA ALA C 32 -7.34 -20.47 -11.79
C ALA C 32 -7.13 -19.00 -11.49
N LEU C 33 -7.11 -18.21 -12.56
CA LEU C 33 -7.09 -16.76 -12.48
C LEU C 33 -8.52 -16.26 -12.17
N ILE C 34 -8.64 -15.16 -11.42
CA ILE C 34 -9.96 -14.62 -11.06
C ILE C 34 -10.28 -13.48 -12.00
N PRO C 35 -11.43 -13.53 -12.72
CA PRO C 35 -11.79 -12.48 -13.66
C PRO C 35 -12.27 -11.22 -12.97
N ASN C 36 -12.02 -10.08 -13.59
CA ASN C 36 -12.61 -8.83 -13.15
C ASN C 36 -14.08 -8.89 -13.50
N THR C 37 -14.94 -8.99 -12.50
CA THR C 37 -16.39 -9.09 -12.77
C THR C 37 -17.20 -8.78 -11.54
N ASP C 38 -18.41 -8.26 -11.74
CA ASP C 38 -19.36 -8.05 -10.66
C ASP C 38 -20.40 -9.18 -10.64
N PHE C 39 -20.86 -9.55 -9.45
CA PHE C 39 -22.11 -10.30 -9.31
C PHE C 39 -23.15 -9.37 -8.73
N THR C 40 -24.31 -9.37 -9.35
CA THR C 40 -25.39 -8.49 -8.97
C THR C 40 -26.53 -9.24 -8.30
N PHE C 41 -27.04 -8.64 -7.21
CA PHE C 41 -28.16 -9.16 -6.44
C PHE C 41 -29.33 -8.18 -6.37
N LYS C 42 -30.52 -8.70 -6.57
CA LYS C 42 -31.73 -7.89 -6.65
C LYS C 42 -32.68 -8.28 -5.52
N ILE C 43 -33.36 -7.29 -4.97
CA ILE C 43 -34.43 -7.55 -4.02
C ILE C 43 -35.69 -6.91 -4.56
N GLU C 44 -36.75 -7.70 -4.65
CA GLU C 44 -38.04 -7.24 -5.16
CA GLU C 44 -38.04 -7.24 -5.17
C GLU C 44 -39.14 -7.59 -4.17
N PRO C 45 -40.22 -6.77 -4.13
CA PRO C 45 -41.36 -7.17 -3.30
C PRO C 45 -41.89 -8.53 -3.72
N ASP C 46 -42.28 -9.35 -2.75
CA ASP C 46 -42.90 -10.62 -3.03
C ASP C 46 -44.37 -10.33 -3.34
N THR C 47 -44.61 -10.12 -4.63
CA THR C 47 -45.90 -9.81 -5.21
C THR C 47 -46.94 -10.94 -5.04
N THR C 48 -46.48 -12.15 -4.72
CA THR C 48 -47.35 -13.34 -4.71
C THR C 48 -47.95 -13.61 -3.35
N VAL C 49 -47.50 -12.87 -2.34
CA VAL C 49 -48.07 -13.00 -0.99
C VAL C 49 -49.41 -12.25 -0.97
N ASN C 50 -50.43 -12.91 -0.42
CA ASN C 50 -51.75 -12.31 -0.31
C ASN C 50 -51.90 -11.62 1.03
N GLU C 51 -52.18 -10.33 0.97
CA GLU C 51 -52.23 -9.49 2.14
C GLU C 51 -53.38 -9.89 3.07
N ASP C 52 -53.05 -10.20 4.32
CA ASP C 52 -54.04 -10.46 5.39
C ASP C 52 -53.79 -9.53 6.57
N GLY C 53 -54.18 -9.93 7.77
CA GLY C 53 -53.93 -9.11 8.96
C GLY C 53 -52.48 -8.68 9.15
N ASN C 54 -51.56 -9.61 8.86
CA ASN C 54 -50.16 -9.50 9.28
C ASN C 54 -49.13 -9.39 8.14
N LYS C 55 -49.41 -10.03 7.01
CA LYS C 55 -48.44 -10.14 5.96
C LYS C 55 -48.71 -9.12 4.85
N PHE C 56 -47.66 -8.47 4.36
CA PHE C 56 -47.77 -7.47 3.30
C PHE C 56 -46.75 -7.71 2.21
N LYS C 57 -47.05 -7.26 0.99
CA LYS C 57 -46.07 -7.28 -0.09
C LYS C 57 -45.03 -6.23 0.26
N GLY C 58 -43.74 -6.53 0.06
CA GLY C 58 -42.69 -5.59 0.44
C GLY C 58 -42.84 -4.21 -0.21
N VAL C 59 -42.19 -3.22 0.41
CA VAL C 59 -42.10 -1.88 -0.17
C VAL C 59 -40.79 -1.75 -0.95
N ALA C 60 -40.87 -1.29 -2.20
CA ALA C 60 -39.70 -1.19 -3.08
C ALA C 60 -38.64 -0.33 -2.43
N LEU C 61 -37.41 -0.83 -2.48
CA LEU C 61 -36.27 -0.10 -1.97
C LEU C 61 -35.88 0.95 -3.01
N ASN C 62 -35.26 2.06 -2.57
CA ASN C 62 -34.76 3.07 -3.51
CA ASN C 62 -34.79 3.05 -3.54
C ASN C 62 -33.60 2.52 -4.33
N THR C 63 -32.75 1.74 -3.67
CA THR C 63 -31.61 1.08 -4.31
C THR C 63 -31.86 -0.45 -4.32
N PRO C 64 -32.63 -0.94 -5.32
CA PRO C 64 -33.03 -2.34 -5.27
C PRO C 64 -31.96 -3.36 -5.70
N MET C 65 -30.79 -2.87 -6.12
CA MET C 65 -29.68 -3.74 -6.54
C MET C 65 -28.45 -3.48 -5.72
N THR C 66 -27.71 -4.54 -5.39
CA THR C 66 -26.39 -4.40 -4.79
C THR C 66 -25.41 -5.35 -5.51
N LYS C 67 -24.11 -5.11 -5.35
CA LYS C 67 -23.10 -5.81 -6.15
C LYS C 67 -21.93 -6.16 -5.28
N VAL C 68 -21.31 -7.31 -5.58
CA VAL C 68 -19.95 -7.59 -5.13
C VAL C 68 -19.00 -7.57 -6.35
N THR C 69 -17.71 -7.43 -6.12
CA THR C 69 -16.73 -7.25 -7.20
C THR C 69 -15.51 -8.15 -7.03
N TYR C 70 -15.20 -8.95 -8.04
CA TYR C 70 -13.96 -9.71 -8.06
C TYR C 70 -12.96 -9.07 -9.00
N THR C 71 -11.68 -9.17 -8.66
CA THR C 71 -10.58 -8.69 -9.50
C THR C 71 -9.49 -9.76 -9.63
N ASN C 72 -8.70 -9.66 -10.70
CA ASN C 72 -7.50 -10.51 -10.87
C ASN C 72 -6.64 -10.54 -9.57
N SER C 73 -6.59 -9.41 -8.86
CA SER C 73 -5.79 -9.31 -7.63
C SER C 73 -6.32 -10.17 -6.47
N ASP C 74 -7.56 -10.69 -6.58
CA ASP C 74 -8.15 -11.55 -5.53
C ASP C 74 -7.50 -12.94 -5.47
N LYS C 75 -6.73 -13.29 -6.49
CA LYS C 75 -5.99 -14.55 -6.49
C LYS C 75 -5.03 -14.56 -5.31
N GLY C 76 -4.95 -15.70 -4.63
CA GLY C 76 -4.15 -15.81 -3.43
C GLY C 76 -4.81 -15.20 -2.20
N GLY C 77 -6.05 -14.72 -2.34
CA GLY C 77 -6.82 -14.22 -1.20
C GLY C 77 -8.08 -15.07 -1.00
N SER C 78 -9.00 -14.57 -0.19
CA SER C 78 -10.28 -15.24 0.05
C SER C 78 -11.19 -15.09 -1.18
N ASN C 79 -11.97 -16.13 -1.48
CA ASN C 79 -12.93 -16.09 -2.58
C ASN C 79 -14.34 -15.63 -2.14
N THR C 80 -14.41 -15.06 -0.94
CA THR C 80 -15.66 -14.62 -0.32
C THR C 80 -15.79 -13.09 -0.31
N LYS C 81 -16.91 -12.58 -0.83
CA LYS C 81 -17.26 -11.16 -0.84
C LYS C 81 -18.63 -10.89 -0.20
N THR C 82 -18.81 -9.70 0.37
CA THR C 82 -20.09 -9.28 0.91
C THR C 82 -20.55 -7.94 0.35
N ALA C 83 -21.88 -7.79 0.28
CA ALA C 83 -22.56 -6.53 -0.04
C ALA C 83 -23.81 -6.43 0.87
N GLU C 84 -24.57 -5.35 0.75
CA GLU C 84 -25.64 -5.05 1.68
C GLU C 84 -26.84 -4.43 1.00
N PHE C 85 -28.03 -4.88 1.40
CA PHE C 85 -29.28 -4.15 1.15
C PHE C 85 -29.58 -3.32 2.41
N ASP C 86 -30.16 -2.15 2.17
CA ASP C 86 -30.40 -1.17 3.22
C ASP C 86 -31.87 -0.78 3.18
N PHE C 87 -32.58 -1.07 4.27
CA PHE C 87 -34.00 -0.80 4.40
C PHE C 87 -34.25 0.41 5.30
N SER C 88 -33.19 1.17 5.63
CA SER C 88 -33.30 2.23 6.64
C SER C 88 -34.18 3.37 6.17
N GLU C 89 -34.16 3.61 4.86
CA GLU C 89 -34.94 4.68 4.23
C GLU C 89 -36.25 4.23 3.60
N VAL C 90 -36.67 2.99 3.89
CA VAL C 90 -37.96 2.50 3.38
C VAL C 90 -39.05 3.01 4.31
N THR C 91 -40.09 3.59 3.72
CA THR C 91 -41.24 4.01 4.48
C THR C 91 -42.26 2.88 4.58
N PHE C 92 -42.45 2.40 5.80
CA PHE C 92 -43.44 1.38 6.10
C PHE C 92 -44.66 2.05 6.69
N GLU C 93 -45.75 1.97 5.94
CA GLU C 93 -47.01 2.59 6.28
C GLU C 93 -47.58 2.08 7.62
N LYS C 94 -47.46 0.78 7.89
CA LYS C 94 -48.00 0.22 9.14
C LYS C 94 -47.19 -0.97 9.63
N PRO C 95 -47.31 -1.32 10.92
CA PRO C 95 -46.60 -2.49 11.40
C PRO C 95 -47.04 -3.75 10.66
N GLY C 96 -46.13 -4.71 10.53
CA GLY C 96 -46.48 -5.96 9.87
C GLY C 96 -45.24 -6.64 9.37
N VAL C 97 -45.43 -7.76 8.68
CA VAL C 97 -44.33 -8.51 8.13
C VAL C 97 -44.36 -8.30 6.62
N TYR C 98 -43.26 -7.77 6.10
CA TYR C 98 -43.17 -7.41 4.70
C TYR C 98 -42.24 -8.37 3.96
N TYR C 99 -42.69 -8.84 2.79
CA TYR C 99 -42.10 -9.98 2.11
C TYR C 99 -41.45 -9.61 0.83
N TYR C 100 -40.21 -10.07 0.68
CA TYR C 100 -39.38 -9.80 -0.48
C TYR C 100 -38.75 -11.10 -0.97
N LYS C 101 -38.21 -11.06 -2.20
CA LYS C 101 -37.38 -12.12 -2.74
C LYS C 101 -36.04 -11.54 -3.13
N VAL C 102 -34.99 -12.32 -2.89
CA VAL C 102 -33.66 -11.94 -3.27
C VAL C 102 -33.14 -12.97 -4.22
N THR C 103 -32.68 -12.50 -5.37
CA THR C 103 -32.03 -13.34 -6.38
C THR C 103 -30.72 -12.72 -6.87
N GLU C 104 -29.89 -13.53 -7.52
CA GLU C 104 -28.72 -13.05 -8.26
C GLU C 104 -29.09 -12.84 -9.73
N GLU C 105 -28.80 -11.66 -10.26
CA GLU C 105 -29.11 -11.33 -11.65
C GLU C 105 -27.94 -11.62 -12.56
N LYS C 106 -28.27 -11.94 -13.81
CA LYS C 106 -27.35 -12.51 -14.81
C LYS C 106 -27.38 -11.76 -16.14
N ILE C 107 -27.01 -10.48 -16.24
CA ILE C 107 -27.22 -9.86 -17.57
C ILE C 107 -26.21 -10.33 -18.64
N ASP C 108 -24.92 -10.13 -18.38
CA ASP C 108 -23.87 -10.56 -19.31
C ASP C 108 -22.98 -11.55 -18.59
N LYS C 109 -23.24 -12.84 -18.84
CA LYS C 109 -22.58 -13.94 -18.14
CA LYS C 109 -22.58 -13.92 -18.12
C LYS C 109 -21.10 -14.09 -18.49
N VAL C 110 -20.26 -14.12 -17.47
CA VAL C 110 -18.84 -14.28 -17.62
C VAL C 110 -18.55 -15.70 -18.06
N PRO C 111 -17.79 -15.86 -19.15
CA PRO C 111 -17.30 -17.15 -19.61
C PRO C 111 -16.67 -17.98 -18.48
N GLY C 112 -17.12 -19.21 -18.35
CA GLY C 112 -16.54 -20.14 -17.38
C GLY C 112 -17.24 -20.13 -16.03
N VAL C 113 -18.16 -19.20 -15.85
CA VAL C 113 -18.81 -19.01 -14.56
C VAL C 113 -20.23 -19.55 -14.56
N SER C 114 -20.54 -20.41 -13.60
CA SER C 114 -21.88 -20.98 -13.44
C SER C 114 -22.63 -20.11 -12.43
N TYR C 115 -23.82 -19.65 -12.77
CA TYR C 115 -24.50 -18.71 -11.88
C TYR C 115 -25.50 -19.38 -10.96
N ASP C 116 -25.59 -18.83 -9.76
CA ASP C 116 -26.47 -19.36 -8.73
C ASP C 116 -27.89 -18.91 -9.04
N THR C 117 -28.78 -19.88 -9.12
CA THR C 117 -30.15 -19.60 -9.53
C THR C 117 -31.11 -19.55 -8.31
N THR C 118 -30.54 -19.66 -7.12
CA THR C 118 -31.30 -19.64 -5.88
C THR C 118 -32.17 -18.38 -5.69
N SER C 119 -33.36 -18.56 -5.16
CA SER C 119 -34.21 -17.46 -4.71
C SER C 119 -34.36 -17.56 -3.20
N TYR C 120 -34.13 -16.46 -2.49
CA TYR C 120 -34.35 -16.38 -1.05
C TYR C 120 -35.61 -15.57 -0.79
N THR C 121 -36.37 -16.01 0.20
CA THR C 121 -37.49 -15.24 0.74
C THR C 121 -36.92 -14.44 1.88
N VAL C 122 -37.27 -13.15 1.93
CA VAL C 122 -36.83 -12.27 2.99
C VAL C 122 -38.07 -11.64 3.63
N GLN C 123 -38.14 -11.74 4.95
CA GLN C 123 -39.20 -11.13 5.76
C GLN C 123 -38.65 -9.94 6.55
N VAL C 124 -39.25 -8.77 6.40
CA VAL C 124 -38.86 -7.64 7.22
C VAL C 124 -39.96 -7.47 8.29
N HIS C 125 -39.61 -7.64 9.55
CA HIS C 125 -40.58 -7.46 10.64
C HIS C 125 -40.58 -6.01 11.11
N VAL C 126 -41.69 -5.35 10.84
CA VAL C 126 -41.85 -3.93 11.11
C VAL C 126 -42.78 -3.76 12.30
N LEU C 127 -42.22 -3.24 13.38
CA LEU C 127 -42.93 -3.05 14.63
C LEU C 127 -43.17 -1.56 14.87
N TRP C 128 -44.27 -1.26 15.55
CA TRP C 128 -44.51 0.08 16.04
C TRP C 128 -43.40 0.40 17.04
N ASN C 129 -42.73 1.52 16.81
CA ASN C 129 -41.66 1.96 17.68
C ASN C 129 -42.15 3.19 18.44
N GLU C 130 -42.23 3.03 19.75
CA GLU C 130 -42.75 4.09 20.61
C GLU C 130 -41.87 5.34 20.63
N GLU C 131 -40.55 5.13 20.66
CA GLU C 131 -39.57 6.23 20.63
CA GLU C 131 -39.59 6.23 20.64
C GLU C 131 -39.76 7.06 19.36
N GLN C 132 -39.63 6.41 18.21
CA GLN C 132 -39.75 7.11 16.93
C GLN C 132 -41.21 7.44 16.56
N GLN C 133 -42.18 6.88 17.29
CA GLN C 133 -43.61 7.04 17.00
C GLN C 133 -43.97 6.69 15.54
N LYS C 134 -43.52 5.52 15.08
CA LYS C 134 -43.82 5.03 13.72
C LYS C 134 -43.44 3.56 13.53
N PRO C 135 -43.89 2.94 12.43
CA PRO C 135 -43.45 1.58 12.18
C PRO C 135 -41.99 1.57 11.74
N VAL C 136 -41.20 0.66 12.29
CA VAL C 136 -39.76 0.63 12.01
C VAL C 136 -39.34 -0.82 11.74
N ALA C 137 -38.56 -1.00 10.68
CA ALA C 137 -37.97 -2.29 10.37
C ALA C 137 -37.14 -2.74 11.57
N THR C 138 -37.54 -3.81 12.22
CA THR C 138 -36.91 -4.20 13.49
C THR C 138 -36.07 -5.47 13.36
N TYR C 139 -36.56 -6.46 12.62
CA TYR C 139 -35.84 -7.73 12.36
C TYR C 139 -35.95 -8.08 10.89
N ILE C 140 -34.87 -8.60 10.33
CA ILE C 140 -34.88 -9.13 8.97
C ILE C 140 -34.40 -10.57 9.01
N VAL C 141 -35.13 -11.45 8.31
CA VAL C 141 -34.85 -12.88 8.29
C VAL C 141 -34.87 -13.38 6.83
N GLY C 142 -33.86 -14.18 6.46
CA GLY C 142 -33.83 -14.88 5.18
C GLY C 142 -34.05 -16.38 5.24
N TYR C 143 -34.69 -16.91 4.19
CA TYR C 143 -35.00 -18.32 4.07
C TYR C 143 -34.61 -18.85 2.68
N LYS C 144 -33.93 -20.01 2.66
CA LYS C 144 -33.68 -20.73 1.41
C LYS C 144 -34.29 -22.13 1.42
N GLU C 145 -35.25 -22.33 0.52
CA GLU C 145 -35.88 -23.65 0.32
C GLU C 145 -36.29 -24.31 1.64
N GLY C 146 -36.91 -23.53 2.52
CA GLY C 146 -37.38 -24.03 3.80
C GLY C 146 -36.44 -23.89 4.98
N SER C 147 -35.24 -23.35 4.76
CA SER C 147 -34.27 -23.23 5.84
C SER C 147 -33.93 -21.77 6.15
N LYS C 148 -33.97 -21.40 7.42
CA LYS C 148 -33.57 -20.07 7.83
C LYS C 148 -32.05 -19.93 7.87
N VAL C 149 -31.51 -19.15 6.94
CA VAL C 149 -30.07 -19.05 6.73
C VAL C 149 -29.63 -17.62 6.33
N PRO C 150 -28.33 -17.25 6.54
CA PRO C 150 -27.80 -16.01 5.94
C PRO C 150 -27.85 -16.09 4.42
N ILE C 151 -27.97 -14.94 3.76
CA ILE C 151 -28.02 -14.93 2.31
C ILE C 151 -26.62 -15.17 1.72
N GLN C 152 -26.50 -16.24 0.96
CA GLN C 152 -25.22 -16.74 0.52
C GLN C 152 -25.45 -17.33 -0.84
N PHE C 153 -24.79 -16.77 -1.85
CA PHE C 153 -24.79 -17.28 -3.21
C PHE C 153 -23.44 -17.89 -3.57
N LYS C 154 -23.46 -18.89 -4.44
CA LYS C 154 -22.23 -19.58 -4.80
C LYS C 154 -22.14 -19.80 -6.29
N ALA C 155 -20.97 -19.50 -6.85
CA ALA C 155 -20.74 -19.74 -8.26
C ALA C 155 -19.47 -20.58 -8.40
N SER C 156 -19.37 -21.29 -9.52
CA SER C 156 -18.15 -22.01 -9.82
C SER C 156 -17.47 -21.42 -11.01
N LEU C 157 -16.14 -21.44 -10.96
CA LEU C 157 -15.29 -20.90 -12.01
C LEU C 157 -14.48 -22.03 -12.62
N ASP C 158 -14.78 -22.30 -13.88
CA ASP C 158 -14.06 -23.31 -14.62
C ASP C 158 -13.01 -22.63 -15.49
N SER C 159 -11.89 -23.33 -15.70
CA SER C 159 -10.86 -22.90 -16.65
C SER C 159 -10.59 -24.01 -17.62
N THR C 160 -9.57 -23.85 -18.49
CA THR C 160 -9.31 -24.84 -19.52
C THR C 160 -7.81 -25.01 -19.77
N THR C 161 -7.44 -25.80 -20.79
CA THR C 161 -6.04 -25.98 -21.19
C THR C 161 -5.84 -25.85 -22.71
N LEU C 162 -4.65 -25.41 -23.08
CA LEU C 162 -4.19 -25.42 -24.46
C LEU C 162 -2.87 -26.19 -24.52
N THR C 163 -2.83 -27.14 -25.43
CA THR C 163 -1.64 -27.92 -25.73
C THR C 163 -1.17 -27.59 -27.16
N VAL C 164 0.12 -27.31 -27.31
CA VAL C 164 0.77 -27.09 -28.61
C VAL C 164 1.82 -28.20 -28.83
N LYS C 165 1.78 -28.86 -29.98
CA LYS C 165 2.72 -29.94 -30.28
C LYS C 165 3.39 -29.67 -31.60
N LYS C 166 4.59 -30.23 -31.76
CA LYS C 166 5.32 -30.20 -33.02
C LYS C 166 5.50 -31.62 -33.56
N LYS C 167 5.31 -31.77 -34.89
CA LYS C 167 5.55 -33.00 -35.63
C LYS C 167 6.40 -32.67 -36.86
N VAL C 168 7.44 -33.48 -37.09
CA VAL C 168 8.34 -33.31 -38.21
C VAL C 168 8.17 -34.55 -39.07
N SER C 169 8.15 -34.36 -40.38
CA SER C 169 8.07 -35.48 -41.29
C SER C 169 8.94 -35.19 -42.51
N GLY C 170 9.00 -36.17 -43.40
CA GLY C 170 9.77 -36.13 -44.64
C GLY C 170 11.14 -36.76 -44.46
N THR C 171 11.77 -37.14 -45.57
CA THR C 171 13.12 -37.71 -45.60
C THR C 171 14.23 -36.72 -45.17
N GLY C 172 13.96 -35.41 -45.27
CA GLY C 172 14.89 -34.38 -44.83
C GLY C 172 14.53 -33.70 -43.52
N GLY C 173 13.40 -34.09 -42.93
CA GLY C 173 12.97 -33.53 -41.65
C GLY C 173 13.91 -33.84 -40.49
N ASP C 174 14.38 -32.80 -39.82
CA ASP C 174 15.32 -32.96 -38.70
C ASP C 174 14.55 -33.10 -37.38
N ARG C 175 14.68 -34.25 -36.73
CA ARG C 175 13.93 -34.52 -35.50
C ARG C 175 14.59 -33.97 -34.24
N SER C 176 15.66 -33.20 -34.40
CA SER C 176 16.36 -32.61 -33.28
C SER C 176 16.44 -31.10 -33.44
N LYS C 177 15.87 -30.58 -34.54
CA LYS C 177 15.79 -29.14 -34.71
C LYS C 177 14.74 -28.51 -33.77
N ASP C 178 15.14 -27.45 -33.08
CA ASP C 178 14.22 -26.62 -32.29
C ASP C 178 13.50 -25.59 -33.18
N PHE C 179 12.18 -25.75 -33.32
CA PHE C 179 11.39 -24.81 -34.10
C PHE C 179 10.91 -23.73 -33.15
N ASN C 180 11.05 -22.46 -33.55
CA ASN C 180 10.61 -21.33 -32.70
C ASN C 180 9.11 -21.01 -32.84
N PHE C 181 8.52 -20.60 -31.71
CA PHE C 181 7.09 -20.38 -31.57
C PHE C 181 6.81 -19.13 -30.74
N GLY C 182 5.71 -18.47 -31.04
CA GLY C 182 5.18 -17.44 -30.14
C GLY C 182 3.72 -17.71 -29.81
N LEU C 183 3.38 -17.61 -28.52
CA LEU C 183 2.00 -17.69 -28.05
C LEU C 183 1.59 -16.31 -27.52
N THR C 184 0.54 -15.72 -28.08
CA THR C 184 0.01 -14.47 -27.52
C THR C 184 -1.40 -14.66 -26.99
N LEU C 185 -1.58 -14.54 -25.68
CA LEU C 185 -2.93 -14.54 -25.10
C LEU C 185 -3.41 -13.12 -25.00
N LYS C 186 -4.61 -12.83 -25.51
CA LYS C 186 -5.06 -11.42 -25.55
C LYS C 186 -5.79 -10.98 -24.30
N ALA C 187 -5.39 -9.83 -23.76
CA ALA C 187 -6.15 -9.18 -22.66
C ALA C 187 -7.61 -8.95 -23.07
N ASN C 188 -8.49 -8.98 -22.08
CA ASN C 188 -9.88 -8.60 -22.31
C ASN C 188 -10.39 -8.05 -20.99
N GLN C 189 -11.66 -7.62 -20.90
CA GLN C 189 -12.17 -7.00 -19.66
CA GLN C 189 -12.19 -7.05 -19.69
C GLN C 189 -12.02 -7.88 -18.42
N TYR C 190 -12.00 -9.20 -18.64
CA TYR C 190 -11.98 -10.14 -17.53
C TYR C 190 -10.57 -10.46 -17.02
N TYR C 191 -9.57 -10.47 -17.91
CA TYR C 191 -8.19 -10.80 -17.52
C TYR C 191 -7.22 -9.81 -18.12
N LYS C 192 -6.61 -8.98 -17.27
CA LYS C 192 -5.79 -7.88 -17.76
C LYS C 192 -4.39 -8.28 -18.21
N ALA C 193 -3.77 -7.43 -19.02
CA ALA C 193 -2.36 -7.53 -19.38
C ALA C 193 -1.49 -7.77 -18.14
N SER C 194 -0.48 -8.62 -18.27
CA SER C 194 0.50 -8.92 -17.23
C SER C 194 0.12 -9.96 -16.17
N GLU C 195 -1.15 -10.36 -16.11
CA GLU C 195 -1.54 -11.56 -15.36
C GLU C 195 -0.84 -12.78 -15.94
N LYS C 196 -0.48 -13.72 -15.07
CA LYS C 196 0.32 -14.86 -15.46
C LYS C 196 -0.54 -16.10 -15.62
N VAL C 197 -0.28 -16.90 -16.66
CA VAL C 197 -0.81 -18.28 -16.75
C VAL C 197 0.36 -19.25 -16.59
N MET C 198 0.06 -20.48 -16.15
CA MET C 198 1.07 -21.52 -16.00
C MET C 198 1.30 -22.34 -17.27
N ILE C 199 2.57 -22.53 -17.63
CA ILE C 199 2.91 -23.35 -18.77
C ILE C 199 3.86 -24.48 -18.38
N GLU C 200 3.57 -25.67 -18.89
CA GLU C 200 4.42 -26.85 -18.70
C GLU C 200 4.92 -27.36 -20.04
N LYS C 201 6.24 -27.49 -20.16
CA LYS C 201 6.84 -28.02 -21.38
C LYS C 201 7.33 -29.48 -21.19
N THR C 202 6.84 -30.38 -22.03
CA THR C 202 7.24 -31.77 -22.06
C THR C 202 8.17 -32.04 -23.24
N THR C 203 9.32 -32.63 -22.91
CA THR C 203 10.28 -33.08 -23.90
C THR C 203 10.38 -34.60 -23.87
N LYS C 204 11.09 -35.18 -24.82
CA LYS C 204 11.23 -36.62 -24.82
C LYS C 204 12.10 -37.11 -23.64
N GLY C 205 11.80 -38.31 -23.17
CA GLY C 205 12.64 -38.93 -22.15
C GLY C 205 11.87 -39.18 -20.88
N GLY C 206 10.61 -38.77 -20.87
CA GLY C 206 9.72 -39.12 -19.79
C GLY C 206 10.00 -38.48 -18.44
N GLN C 207 10.60 -37.28 -18.46
CA GLN C 207 10.91 -36.56 -17.22
C GLN C 207 9.78 -35.60 -16.89
N ALA C 208 9.79 -35.09 -15.65
CA ALA C 208 8.82 -34.09 -15.21
C ALA C 208 8.86 -32.87 -16.12
N PRO C 209 7.68 -32.35 -16.51
CA PRO C 209 7.63 -31.16 -17.34
C PRO C 209 8.32 -29.96 -16.67
N VAL C 210 8.92 -29.09 -17.46
CA VAL C 210 9.48 -27.85 -16.94
C VAL C 210 8.38 -26.78 -16.85
N GLN C 211 8.26 -26.17 -15.67
CA GLN C 211 7.27 -25.13 -15.37
C GLN C 211 7.78 -23.73 -15.67
N THR C 212 7.02 -22.97 -16.46
CA THR C 212 7.25 -21.55 -16.71
C THR C 212 5.92 -20.76 -16.67
N GLU C 213 5.97 -19.49 -17.05
CA GLU C 213 4.80 -18.62 -17.05
C GLU C 213 4.79 -17.70 -18.24
N ALA C 214 3.61 -17.52 -18.81
CA ALA C 214 3.36 -16.52 -19.85
C ALA C 214 2.56 -15.38 -19.24
N SER C 215 2.87 -14.14 -19.64
CA SER C 215 2.05 -12.97 -19.27
C SER C 215 0.95 -12.71 -20.31
N ILE C 216 -0.24 -12.40 -19.82
CA ILE C 216 -1.33 -12.07 -20.74
C ILE C 216 -0.98 -10.81 -21.49
N ASP C 217 -1.22 -10.84 -22.80
CA ASP C 217 -1.04 -9.71 -23.70
C ASP C 217 0.41 -9.51 -24.12
N GLN C 218 1.28 -10.41 -23.67
CA GLN C 218 2.66 -10.37 -24.10
C GLN C 218 3.04 -11.67 -24.81
N LEU C 219 3.63 -11.56 -26.00
CA LEU C 219 4.15 -12.71 -26.73
C LEU C 219 5.07 -13.59 -25.88
N TYR C 220 4.75 -14.87 -25.80
CA TYR C 220 5.50 -15.85 -25.04
C TYR C 220 6.25 -16.72 -26.02
N HIS C 221 7.59 -16.73 -25.90
CA HIS C 221 8.46 -17.48 -26.80
C HIS C 221 8.78 -18.84 -26.24
N PHE C 222 8.63 -19.86 -27.08
CA PHE C 222 9.08 -21.22 -26.72
C PHE C 222 9.64 -21.92 -27.94
N THR C 223 10.38 -23.01 -27.72
CA THR C 223 10.88 -23.83 -28.84
C THR C 223 10.34 -25.25 -28.69
N LEU C 224 10.16 -25.96 -29.80
CA LEU C 224 9.73 -27.35 -29.77
C LEU C 224 10.48 -28.17 -30.80
N LYS C 225 10.94 -29.35 -30.42
CA LYS C 225 11.46 -30.32 -31.37
C LYS C 225 10.33 -31.29 -31.65
N ASP C 226 10.49 -32.15 -32.66
CA ASP C 226 9.55 -33.25 -32.92
C ASP C 226 9.16 -34.02 -31.67
N GLY C 227 7.85 -34.23 -31.47
CA GLY C 227 7.37 -35.01 -30.32
C GLY C 227 7.31 -34.28 -28.99
N GLU C 228 7.63 -33.00 -28.98
CA GLU C 228 7.62 -32.19 -27.75
C GLU C 228 6.31 -31.39 -27.68
N SER C 229 5.93 -30.94 -26.49
CA SER C 229 4.73 -30.11 -26.33
C SER C 229 4.83 -29.14 -25.17
N ILE C 230 4.11 -28.02 -25.26
CA ILE C 230 3.80 -27.20 -24.10
C ILE C 230 2.32 -27.33 -23.79
N LYS C 231 1.97 -27.11 -22.53
CA LYS C 231 0.58 -27.02 -22.12
C LYS C 231 0.40 -25.85 -21.17
N VAL C 232 -0.54 -24.99 -21.55
CA VAL C 232 -1.08 -23.97 -20.69
C VAL C 232 -2.12 -24.63 -19.81
N THR C 233 -1.83 -24.76 -18.50
CA THR C 233 -2.62 -25.62 -17.58
C THR C 233 -3.79 -24.90 -16.89
N ASN C 234 -3.83 -23.58 -16.96
CA ASN C 234 -4.90 -22.82 -16.31
C ASN C 234 -5.34 -21.66 -17.20
N LEU C 235 -5.49 -21.93 -18.49
CA LEU C 235 -5.99 -20.94 -19.43
C LEU C 235 -7.44 -20.61 -19.08
N PRO C 236 -7.73 -19.30 -18.88
CA PRO C 236 -9.13 -18.92 -18.59
C PRO C 236 -10.05 -19.13 -19.78
N VAL C 237 -11.34 -19.34 -19.52
CA VAL C 237 -12.29 -19.47 -20.59
C VAL C 237 -12.55 -18.08 -21.16
N GLY C 238 -12.69 -18.01 -22.48
CA GLY C 238 -13.09 -16.78 -23.14
C GLY C 238 -11.96 -15.86 -23.57
N VAL C 239 -10.73 -16.37 -23.60
CA VAL C 239 -9.55 -15.56 -23.95
C VAL C 239 -9.18 -15.85 -25.39
N ASP C 240 -8.96 -14.82 -26.18
CA ASP C 240 -8.48 -15.01 -27.55
C ASP C 240 -6.97 -15.21 -27.53
N TYR C 241 -6.46 -15.95 -28.52
CA TYR C 241 -5.04 -16.23 -28.62
C TYR C 241 -4.63 -16.61 -30.03
N VAL C 242 -3.35 -16.43 -30.33
CA VAL C 242 -2.77 -16.88 -31.58
C VAL C 242 -1.48 -17.63 -31.23
N VAL C 243 -1.23 -18.73 -31.94
CA VAL C 243 0.03 -19.45 -31.83
C VAL C 243 0.67 -19.38 -33.22
N THR C 244 1.93 -18.94 -33.27
CA THR C 244 2.66 -18.74 -34.51
C THR C 244 4.01 -19.44 -34.41
N GLU C 245 4.35 -20.20 -35.43
CA GLU C 245 5.71 -20.69 -35.61
C GLU C 245 6.46 -19.68 -36.48
N ASP C 246 7.77 -19.57 -36.28
CA ASP C 246 8.64 -18.87 -37.22
C ASP C 246 8.44 -19.42 -38.64
N ASP C 247 8.68 -18.58 -39.65
CA ASP C 247 8.64 -19.05 -41.04
C ASP C 247 9.91 -19.80 -41.39
N TYR C 248 9.75 -21.09 -41.70
CA TYR C 248 10.87 -21.95 -42.10
C TYR C 248 10.86 -22.36 -43.59
N LYS C 249 10.17 -21.58 -44.43
CA LYS C 249 10.18 -21.86 -45.88
C LYS C 249 11.58 -21.74 -46.52
N SER C 250 12.36 -20.78 -46.00
CA SER C 250 13.73 -20.56 -46.43
C SER C 250 14.55 -21.82 -46.22
N GLU C 251 14.13 -22.65 -45.27
CA GLU C 251 14.88 -23.86 -44.95
C GLU C 251 14.27 -25.09 -45.59
N LYS C 252 13.38 -24.85 -46.54
CA LYS C 252 12.69 -25.90 -47.29
C LYS C 252 11.75 -26.73 -46.40
N TYR C 253 11.18 -26.11 -45.36
CA TYR C 253 10.06 -26.71 -44.64
C TYR C 253 8.75 -26.16 -45.18
N THR C 254 7.75 -27.04 -45.29
CA THR C 254 6.39 -26.56 -45.41
C THR C 254 5.66 -26.88 -44.10
N THR C 255 4.85 -25.93 -43.65
CA THR C 255 4.23 -25.98 -42.34
C THR C 255 2.72 -25.98 -42.48
N ASN C 256 2.07 -26.82 -41.70
CA ASN C 256 0.62 -26.85 -41.65
C ASN C 256 0.22 -26.93 -40.20
N VAL C 257 -0.99 -26.45 -39.90
CA VAL C 257 -1.52 -26.42 -38.55
C VAL C 257 -2.83 -27.20 -38.45
N GLU C 258 -2.97 -27.97 -37.38
CA GLU C 258 -4.16 -28.74 -37.06
C GLU C 258 -4.71 -28.20 -35.73
N VAL C 259 -5.91 -27.61 -35.74
CA VAL C 259 -6.53 -27.09 -34.51
C VAL C 259 -7.62 -28.06 -34.08
N SER C 260 -7.43 -28.70 -32.93
CA SER C 260 -8.27 -29.81 -32.53
C SER C 260 -8.97 -29.62 -31.17
N PRO C 261 -10.19 -29.06 -31.16
CA PRO C 261 -10.92 -28.94 -29.88
C PRO C 261 -11.54 -30.26 -29.41
N GLN C 262 -11.55 -30.49 -28.09
CA GLN C 262 -12.19 -31.66 -27.46
CA GLN C 262 -12.18 -31.70 -27.53
C GLN C 262 -13.65 -31.83 -27.93
N ASP C 263 -14.32 -30.72 -28.18
CA ASP C 263 -15.75 -30.78 -28.56
C ASP C 263 -16.07 -30.39 -29.99
N GLY C 264 -15.16 -30.58 -30.94
CA GLY C 264 -15.49 -30.28 -32.33
C GLY C 264 -14.56 -30.95 -33.30
N ALA C 265 -14.72 -30.63 -34.58
CA ALA C 265 -13.92 -31.23 -35.64
C ALA C 265 -12.56 -30.53 -35.77
N VAL C 266 -11.63 -31.22 -36.43
CA VAL C 266 -10.32 -30.68 -36.71
C VAL C 266 -10.38 -29.57 -37.77
N LYS C 267 -9.81 -28.42 -37.44
CA LYS C 267 -9.61 -27.35 -38.38
C LYS C 267 -8.19 -27.52 -38.93
N ASN C 268 -8.05 -27.52 -40.25
CA ASN C 268 -6.72 -27.58 -40.90
C ASN C 268 -6.36 -26.26 -41.54
N ILE C 269 -5.13 -25.81 -41.29
CA ILE C 269 -4.68 -24.49 -41.75
C ILE C 269 -3.34 -24.65 -42.44
N ALA C 270 -3.25 -24.15 -43.65
CA ALA C 270 -1.97 -24.09 -44.34
C ALA C 270 -1.09 -23.03 -43.69
N GLY C 271 0.18 -23.34 -43.53
CA GLY C 271 1.16 -22.35 -43.20
C GLY C 271 1.51 -22.26 -41.73
N ASN C 272 1.80 -21.03 -41.33
CA ASN C 272 2.61 -20.66 -40.20
C ASN C 272 1.93 -20.45 -38.85
N SER C 273 0.63 -20.21 -38.88
CA SER C 273 -0.06 -19.59 -37.76
C SER C 273 -1.49 -20.09 -37.65
N THR C 274 -1.98 -20.14 -36.42
CA THR C 274 -3.40 -20.25 -36.17
C THR C 274 -4.05 -18.92 -36.57
N GLU C 275 -5.36 -18.96 -36.82
CA GLU C 275 -6.17 -17.75 -36.81
C GLU C 275 -6.24 -17.32 -35.35
N GLN C 276 -7.02 -16.27 -35.05
CA GLN C 276 -7.35 -15.97 -33.68
C GLN C 276 -8.35 -17.03 -33.18
N GLU C 277 -7.95 -17.76 -32.15
CA GLU C 277 -8.85 -18.72 -31.53
C GLU C 277 -9.43 -18.12 -30.27
N THR C 278 -10.61 -18.60 -29.85
CA THR C 278 -11.19 -18.22 -28.56
C THR C 278 -11.30 -19.46 -27.67
N SER C 279 -10.72 -19.40 -26.46
CA SER C 279 -10.79 -20.55 -25.54
C SER C 279 -12.20 -20.76 -25.01
N THR C 280 -12.63 -22.01 -24.95
CA THR C 280 -13.93 -22.41 -24.35
C THR C 280 -13.62 -23.31 -23.17
N ASP C 281 -14.65 -23.84 -22.50
CA ASP C 281 -14.40 -24.76 -21.38
C ASP C 281 -13.81 -26.13 -21.76
N LYS C 282 -13.64 -26.37 -23.06
CA LYS C 282 -13.06 -27.60 -23.56
C LYS C 282 -11.57 -27.46 -23.80
N ASP C 283 -10.86 -28.57 -23.62
CA ASP C 283 -9.43 -28.64 -23.90
C ASP C 283 -9.15 -28.45 -25.39
N MET C 284 -8.05 -27.78 -25.70
CA MET C 284 -7.62 -27.55 -27.10
C MET C 284 -6.24 -28.16 -27.34
N THR C 285 -6.10 -28.90 -28.45
CA THR C 285 -4.75 -29.33 -28.91
C THR C 285 -4.41 -28.80 -30.30
N ILE C 286 -3.29 -28.12 -30.41
CA ILE C 286 -2.86 -27.52 -31.66
C ILE C 286 -1.52 -28.17 -32.04
N THR C 287 -1.46 -28.76 -33.24
CA THR C 287 -0.29 -29.48 -33.71
C THR C 287 0.24 -28.82 -34.98
N PHE C 288 1.48 -28.37 -34.93
CA PHE C 288 2.18 -27.92 -36.14
C PHE C 288 2.95 -29.07 -36.74
N THR C 289 2.79 -29.28 -38.04
CA THR C 289 3.55 -30.29 -38.80
C THR C 289 4.53 -29.58 -39.72
N ASN C 290 5.81 -29.95 -39.62
CA ASN C 290 6.85 -29.39 -40.46
C ASN C 290 7.48 -30.47 -41.31
N LYS C 291 7.30 -30.37 -42.63
CA LYS C 291 7.72 -31.40 -43.58
C LYS C 291 8.85 -30.86 -44.46
N LYS C 292 9.92 -31.63 -44.58
CA LYS C 292 11.02 -31.32 -45.50
C LYS C 292 11.46 -32.57 -46.22
N VAL C 293 11.49 -32.50 -47.55
CA VAL C 293 12.04 -33.61 -48.34
C VAL C 293 13.41 -33.27 -48.93
N PHE C 294 14.25 -34.29 -49.15
CA PHE C 294 15.43 -34.18 -50.01
C PHE C 294 15.13 -34.78 -51.37
#